data_6LEL
#
_entry.id   6LEL
#
_cell.length_a   165.781
_cell.length_b   76.720
_cell.length_c   124.888
_cell.angle_alpha   90.000
_cell.angle_beta   124.640
_cell.angle_gamma   90.000
#
_symmetry.space_group_name_H-M   'C 1 2 1'
#
loop_
_entity.id
_entity.type
_entity.pdbx_description
1 polymer Beta-D-glucuronidase
2 non-polymer '(2~{S},3~{S},4~{R},5~{R})-2-hexyl-4,5-bis(oxidanyl)piperidine-3-carboxylic acid'
3 water water
#
_entity_poly.entity_id   1
_entity_poly.type   'polypeptide(L)'
_entity_poly.pdbx_seq_one_letter_code
;HMLRPVETPTREIKKLDGLWAFSLDRENCGIDQRWWESALQESRAIAVPGSFNDQFADADIRNYAGNVWYQREVFIPKGW
AGQRIVLRFDAVTHYGKVWVNNQEVMEHQGGYTPFEADVTPYVIAGKSVRITVCVNNELNWQTIPPGMVITDENGKKKQS
YFHDFFNYAGIHRSVMLYTTPNTWVDDITVVTHVAQDCNHASVDWQVVANGDVSVELRDADQQVVATGQGTSGTLQVVNP
HLWQPGEGYLYELCVTAKSQTECDIYPLRVGIRSVAVKGEQFLINHKPFYFTGFGRHEDADLRGKGFDNVLMVHDHALMD
WIGANSYRTSHYPYAEEMLDWADEHGIVVIDETAAVGFNLSLGIGFEAGNKPKELYSEEAVNGETQQAHLQAIKELIARD
KNHPSVVMWSIANEPDTRPQGAREYFAPLAEATRKLDPTRPITCVNVMFCDAHTDTISDLFDVLCLNRYYGWYVQSGDLE
TAEKVLEKELLAWQEKLHQPIIITEYGVDTLAGLHSMYTDMWSEEYQCAWLDMYHRVFDRVSAVVGEQVWNFADFATSQG
ILRVGGNKKGIFTRDRKPKSAAFLLQKRWTGMNFGEKPQQGGKQ
;
_entity_poly.pdbx_strand_id   A,B
#
loop_
_chem_comp.id
_chem_comp.type
_chem_comp.name
_chem_comp.formula
E8X non-polymer '(2~{S},3~{S},4~{R},5~{R})-2-hexyl-4,5-bis(oxidanyl)piperidine-3-carboxylic acid' 'C12 H23 N O4'
#
# COMPACT_ATOMS: atom_id res chain seq x y z
N HIS A 1 -13.91 -25.39 -10.00
CA HIS A 1 -14.62 -25.05 -8.77
C HIS A 1 -13.74 -24.29 -7.82
N MET A 2 -14.12 -23.06 -7.52
CA MET A 2 -13.29 -22.18 -6.73
C MET A 2 -14.15 -21.36 -5.78
N LEU A 3 -13.69 -21.18 -4.54
CA LEU A 3 -14.27 -20.21 -3.63
C LEU A 3 -13.17 -19.36 -3.01
N ARG A 4 -13.57 -18.19 -2.49
CA ARG A 4 -12.63 -17.33 -1.78
C ARG A 4 -12.32 -17.91 -0.40
N PRO A 5 -11.05 -18.00 -0.01
CA PRO A 5 -10.71 -18.49 1.33
C PRO A 5 -11.28 -17.63 2.45
N VAL A 6 -11.71 -18.31 3.54
CA VAL A 6 -12.14 -17.74 4.83
C VAL A 6 -11.85 -18.78 5.92
N GLU A 7 -12.61 -18.80 7.06
CA GLU A 7 -12.09 -19.28 8.35
C GLU A 7 -12.71 -20.59 8.91
N THR A 8 -12.34 -20.87 10.19
CA THR A 8 -12.50 -21.87 11.26
C THR A 8 -12.07 -23.33 10.97
N PRO A 9 -12.73 -24.15 10.14
CA PRO A 9 -12.04 -25.40 9.74
C PRO A 9 -11.00 -25.15 8.67
N THR A 10 -11.01 -23.94 8.11
CA THR A 10 -10.08 -23.48 7.10
C THR A 10 -9.21 -22.39 7.73
N ARG A 11 -7.94 -22.30 7.31
CA ARG A 11 -7.09 -21.24 7.84
C ARG A 11 -5.97 -20.90 6.86
N GLU A 12 -5.68 -19.59 6.74
CA GLU A 12 -4.68 -19.05 5.85
C GLU A 12 -3.38 -18.73 6.57
N ILE A 13 -2.27 -18.97 5.88
CA ILE A 13 -1.02 -18.24 6.08
C ILE A 13 -0.73 -17.61 4.73
N LYS A 14 -0.82 -16.29 4.67
CA LYS A 14 -0.59 -15.57 3.42
C LYS A 14 0.88 -15.22 3.26
N LYS A 15 1.42 -15.46 2.07
CA LYS A 15 2.73 -14.92 1.72
C LYS A 15 2.61 -13.61 0.98
N LEU A 16 1.41 -13.00 0.99
CA LEU A 16 1.25 -11.64 0.48
C LEU A 16 2.24 -10.75 1.18
N ASP A 17 2.11 -10.72 2.49
CA ASP A 17 3.15 -10.34 3.40
C ASP A 17 4.46 -10.41 2.64
N GLY A 18 5.02 -9.24 2.34
CA GLY A 18 6.45 -9.16 2.20
C GLY A 18 7.13 -9.25 0.86
N LEU A 19 8.45 -9.12 1.00
CA LEU A 19 9.42 -8.97 -0.08
C LEU A 19 9.83 -10.33 -0.64
N TRP A 20 9.88 -10.43 -1.97
CA TRP A 20 10.35 -11.62 -2.65
C TRP A 20 11.63 -11.30 -3.40
N ALA A 21 12.38 -12.35 -3.71
CA ALA A 21 13.49 -12.22 -4.65
C ALA A 21 12.96 -12.12 -6.07
N PHE A 22 13.56 -11.24 -6.86
CA PHE A 22 13.04 -10.94 -8.18
C PHE A 22 14.19 -10.85 -9.15
N SER A 23 13.96 -11.30 -10.37
CA SER A 23 15.02 -11.28 -11.36
C SER A 23 14.39 -11.19 -12.74
N LEU A 24 15.11 -10.56 -13.66
CA LEU A 24 14.73 -10.52 -15.06
C LEU A 24 15.31 -11.73 -15.78
N ASP A 25 15.02 -11.88 -17.10
CA ASP A 25 15.67 -12.95 -17.89
C ASP A 25 15.79 -12.49 -19.34
N ARG A 26 16.83 -11.73 -19.63
CA ARG A 26 16.78 -10.97 -20.85
C ARG A 26 16.98 -11.89 -22.06
N GLU A 27 17.70 -13.00 -21.84
CA GLU A 27 17.96 -14.05 -22.83
C GLU A 27 17.14 -15.32 -22.63
N ASN A 28 16.20 -15.32 -21.70
CA ASN A 28 15.28 -16.45 -21.50
C ASN A 28 16.03 -17.78 -21.34
N CYS A 29 16.95 -17.81 -20.39
CA CYS A 29 17.65 -19.02 -20.02
C CYS A 29 17.16 -19.58 -18.69
N GLY A 30 16.20 -18.92 -18.06
CA GLY A 30 15.73 -19.37 -16.75
C GLY A 30 15.10 -20.74 -16.79
N ILE A 31 14.34 -21.02 -17.84
CA ILE A 31 13.68 -22.32 -17.96
C ILE A 31 14.70 -23.41 -18.27
N ASP A 32 15.62 -23.12 -19.20
CA ASP A 32 16.66 -24.08 -19.56
C ASP A 32 17.51 -24.45 -18.35
N GLN A 33 17.95 -23.43 -17.61
CA GLN A 33 18.85 -23.62 -16.49
C GLN A 33 18.09 -23.96 -15.22
N ARG A 34 16.78 -24.23 -15.34
CA ARG A 34 15.91 -24.62 -14.25
C ARG A 34 16.20 -23.78 -13.01
N TRP A 35 15.91 -22.48 -13.07
CA TRP A 35 16.22 -21.60 -11.95
C TRP A 35 15.40 -21.96 -10.72
N TRP A 36 14.25 -22.60 -10.90
CA TRP A 36 13.46 -23.00 -9.73
C TRP A 36 14.21 -23.98 -8.84
N GLU A 37 15.26 -24.61 -9.37
CA GLU A 37 16.10 -25.53 -8.60
C GLU A 37 16.79 -24.85 -7.42
N SER A 38 17.63 -23.87 -7.68
CA SER A 38 18.35 -23.18 -6.62
C SER A 38 17.68 -21.85 -6.26
N ALA A 39 18.17 -21.24 -5.18
CA ALA A 39 17.81 -19.86 -4.88
C ALA A 39 18.45 -18.97 -5.93
N LEU A 40 17.72 -17.95 -6.37
CA LEU A 40 18.13 -17.19 -7.54
C LEU A 40 19.48 -16.50 -7.38
N GLN A 41 20.24 -16.45 -8.46
CA GLN A 41 21.20 -15.37 -8.66
C GLN A 41 20.55 -14.04 -8.99
N GLU A 42 21.33 -12.96 -8.81
CA GLU A 42 20.97 -11.61 -9.30
C GLU A 42 19.60 -11.19 -8.82
N SER A 43 19.30 -11.46 -7.56
CA SER A 43 17.96 -11.24 -7.05
C SER A 43 17.91 -9.94 -6.26
N ARG A 44 16.84 -9.18 -6.45
CA ARG A 44 16.63 -7.95 -5.70
C ARG A 44 15.26 -8.04 -5.04
N ALA A 45 15.15 -7.38 -3.90
CA ALA A 45 13.90 -7.41 -3.17
C ALA A 45 12.81 -6.70 -3.98
N ILE A 46 11.61 -7.29 -3.97
CA ILE A 46 10.43 -6.70 -4.58
C ILE A 46 9.25 -6.96 -3.65
N ALA A 47 8.25 -6.09 -3.75
CA ALA A 47 7.09 -6.16 -2.88
C ALA A 47 5.96 -6.84 -3.65
N VAL A 48 5.29 -7.78 -2.98
CA VAL A 48 4.11 -8.50 -3.49
C VAL A 48 3.00 -8.22 -2.48
N PRO A 49 1.76 -7.94 -2.90
CA PRO A 49 1.31 -7.77 -4.26
C PRO A 49 1.86 -6.48 -4.81
N GLY A 50 1.92 -6.36 -6.11
CA GLY A 50 2.37 -5.12 -6.75
C GLY A 50 2.98 -5.45 -8.10
N SER A 51 2.80 -4.52 -9.03
CA SER A 51 3.44 -4.61 -10.32
C SER A 51 4.94 -4.44 -10.13
N PHE A 52 5.71 -5.01 -11.07
CA PHE A 52 7.14 -4.84 -11.04
C PHE A 52 7.60 -3.62 -11.82
N ASN A 53 6.75 -3.01 -12.64
CA ASN A 53 7.22 -1.96 -13.54
C ASN A 53 7.66 -0.71 -12.80
N ASP A 54 6.83 -0.18 -11.88
CA ASP A 54 7.09 1.13 -11.31
C ASP A 54 7.95 1.07 -10.05
N GLN A 55 8.19 -0.14 -9.53
CA GLN A 55 8.82 -0.31 -8.23
C GLN A 55 10.30 0.10 -8.17
N PHE A 56 11.02 0.12 -9.29
CA PHE A 56 12.46 0.41 -9.25
C PHE A 56 12.84 1.69 -9.98
N ALA A 57 11.86 2.47 -10.44
CA ALA A 57 12.10 3.75 -11.14
C ALA A 57 13.07 3.59 -12.31
N ASP A 58 13.05 2.44 -12.97
CA ASP A 58 13.94 2.10 -14.06
C ASP A 58 13.12 1.78 -15.31
N ALA A 59 13.37 2.54 -16.38
CA ALA A 59 12.62 2.42 -17.62
C ALA A 59 12.84 1.08 -18.31
N ASP A 60 13.95 0.42 -18.01
CA ASP A 60 14.20 -0.88 -18.63
C ASP A 60 13.41 -2.00 -17.95
N ILE A 61 13.33 -1.99 -16.62
CA ILE A 61 12.41 -2.93 -15.98
C ILE A 61 10.99 -2.58 -16.37
N ARG A 62 10.70 -1.28 -16.45
CA ARG A 62 9.35 -0.81 -16.74
C ARG A 62 8.89 -1.30 -18.10
N ASN A 63 9.75 -1.16 -19.10
CA ASN A 63 9.39 -1.49 -20.48
C ASN A 63 9.75 -2.93 -20.87
N TYR A 64 10.11 -3.78 -19.92
CA TYR A 64 10.50 -5.17 -20.19
C TYR A 64 9.36 -6.03 -20.78
N ALA A 65 9.71 -6.87 -21.74
CA ALA A 65 8.84 -7.95 -22.21
C ALA A 65 9.59 -9.27 -22.11
N GLY A 66 9.01 -10.25 -21.45
CA GLY A 66 9.65 -11.53 -21.29
C GLY A 66 9.16 -12.20 -20.02
N ASN A 67 10.04 -13.00 -19.43
CA ASN A 67 9.78 -13.63 -18.14
C ASN A 67 10.59 -12.97 -17.02
N VAL A 68 10.00 -13.00 -15.83
CA VAL A 68 10.59 -12.49 -14.61
C VAL A 68 10.37 -13.58 -13.56
N TRP A 69 11.26 -13.66 -12.58
CA TRP A 69 11.20 -14.71 -11.56
C TRP A 69 11.00 -14.10 -10.20
N TYR A 70 10.00 -14.60 -9.51
CA TYR A 70 9.67 -14.26 -8.15
C TYR A 70 9.96 -15.48 -7.30
N GLN A 71 10.65 -15.32 -6.19
CA GLN A 71 11.01 -16.50 -5.41
C GLN A 71 11.07 -16.14 -3.93
N ARG A 72 10.51 -17.00 -3.09
CA ARG A 72 10.60 -16.76 -1.66
C ARG A 72 10.53 -18.09 -0.93
N GLU A 73 11.24 -18.17 0.19
CA GLU A 73 11.14 -19.34 1.04
C GLU A 73 10.04 -19.11 2.07
N VAL A 74 9.42 -20.18 2.54
CA VAL A 74 8.45 -20.02 3.62
C VAL A 74 8.37 -21.29 4.46
N PHE A 75 8.10 -21.09 5.76
CA PHE A 75 7.98 -22.14 6.77
C PHE A 75 6.54 -22.62 6.83
N ILE A 76 6.31 -23.85 6.42
CA ILE A 76 4.96 -24.41 6.36
C ILE A 76 4.51 -24.73 7.79
N PRO A 77 3.38 -24.15 8.25
CA PRO A 77 2.98 -24.30 9.66
C PRO A 77 2.70 -25.76 10.04
N LYS A 78 3.11 -26.11 11.26
CA LYS A 78 3.20 -27.51 11.68
C LYS A 78 1.91 -28.13 12.22
N GLY A 79 0.97 -27.34 12.73
CA GLY A 79 -0.31 -27.90 13.11
C GLY A 79 -1.14 -28.25 11.89
N TRP A 80 -0.47 -28.37 10.75
CA TRP A 80 -1.11 -28.68 9.49
C TRP A 80 -0.60 -30.02 9.01
N ALA A 81 -0.62 -31.02 9.89
CA ALA A 81 -0.14 -32.30 9.43
C ALA A 81 -1.29 -33.10 8.83
N GLY A 82 -2.48 -32.99 9.39
CA GLY A 82 -3.60 -33.80 8.94
C GLY A 82 -4.61 -33.12 8.06
N GLN A 83 -4.52 -31.81 7.83
CA GLN A 83 -5.47 -31.16 6.94
C GLN A 83 -4.87 -31.02 5.54
N ARG A 84 -5.75 -30.70 4.59
CA ARG A 84 -5.40 -30.47 3.20
C ARG A 84 -5.01 -29.02 2.97
N ILE A 85 -3.89 -28.79 2.26
CA ILE A 85 -3.34 -27.45 2.08
C ILE A 85 -3.24 -27.13 0.60
N VAL A 86 -3.59 -25.89 0.27
CA VAL A 86 -3.65 -25.38 -1.09
C VAL A 86 -2.78 -24.13 -1.21
N LEU A 87 -2.20 -23.93 -2.39
CA LEU A 87 -1.49 -22.72 -2.74
C LEU A 87 -2.32 -21.94 -3.75
N ARG A 88 -2.76 -20.75 -3.35
CA ARG A 88 -3.70 -19.91 -4.08
C ARG A 88 -3.00 -18.63 -4.51
N PHE A 89 -3.03 -18.33 -5.80
CA PHE A 89 -2.57 -17.05 -6.36
C PHE A 89 -3.82 -16.28 -6.79
N ASP A 90 -4.08 -15.15 -6.13
CA ASP A 90 -5.28 -14.38 -6.46
C ASP A 90 -5.16 -13.63 -7.79
N ALA A 91 -3.95 -13.29 -8.23
CA ALA A 91 -3.73 -12.85 -9.61
C ALA A 91 -2.26 -12.79 -9.98
N VAL A 92 -1.90 -13.33 -11.14
CA VAL A 92 -0.54 -13.21 -11.69
C VAL A 92 -0.71 -12.66 -13.10
N THR A 93 -0.33 -11.39 -13.28
CA THR A 93 -0.77 -10.75 -14.51
C THR A 93 -0.04 -11.25 -15.72
N HIS A 94 -0.92 -11.77 -16.59
CA HIS A 94 -0.82 -12.52 -17.81
C HIS A 94 -0.51 -13.94 -17.37
N TYR A 95 0.75 -14.39 -17.36
CA TYR A 95 0.96 -15.82 -17.21
C TYR A 95 1.94 -16.14 -16.09
N GLY A 96 1.67 -17.23 -15.39
CA GLY A 96 2.52 -17.62 -14.28
C GLY A 96 2.63 -19.13 -14.15
N LYS A 97 3.84 -19.61 -13.85
CA LYS A 97 4.12 -21.03 -13.64
C LYS A 97 4.92 -21.16 -12.37
N VAL A 98 4.45 -21.97 -11.44
CA VAL A 98 5.03 -22.02 -10.11
C VAL A 98 5.67 -23.38 -9.86
N TRP A 99 6.85 -23.35 -9.24
CA TRP A 99 7.46 -24.55 -8.71
C TRP A 99 7.45 -24.48 -7.20
N VAL A 100 7.00 -25.56 -6.57
CA VAL A 100 7.08 -25.67 -5.13
C VAL A 100 8.24 -26.62 -4.82
N ASN A 101 9.45 -26.06 -4.75
CA ASN A 101 10.69 -26.78 -4.50
C ASN A 101 10.89 -27.91 -5.51
N ASN A 102 11.21 -27.51 -6.76
CA ASN A 102 11.57 -28.49 -7.81
C ASN A 102 10.39 -29.35 -8.23
N GLN A 103 9.20 -28.81 -8.18
CA GLN A 103 8.00 -29.55 -8.52
C GLN A 103 7.01 -28.56 -9.11
N GLU A 104 6.84 -28.60 -10.42
CA GLU A 104 5.87 -27.68 -10.98
C GLU A 104 4.49 -28.09 -10.50
N VAL A 105 3.72 -27.12 -9.99
CA VAL A 105 2.45 -27.46 -9.38
C VAL A 105 1.28 -26.75 -10.03
N MET A 106 1.51 -25.64 -10.73
CA MET A 106 0.41 -24.88 -11.32
C MET A 106 0.91 -24.20 -12.57
N GLU A 107 -0.04 -23.66 -13.30
CA GLU A 107 0.30 -22.84 -14.42
C GLU A 107 -0.97 -22.12 -14.79
N HIS A 108 -0.86 -20.89 -15.27
CA HIS A 108 -2.08 -20.16 -15.54
C HIS A 108 -1.87 -19.11 -16.60
N GLN A 109 -2.89 -18.94 -17.42
CA GLN A 109 -3.00 -17.88 -18.40
C GLN A 109 -4.23 -17.05 -18.06
N GLY A 110 -4.06 -15.75 -17.97
CA GLY A 110 -5.12 -14.89 -17.45
C GLY A 110 -4.70 -14.17 -16.21
N GLY A 111 -4.43 -12.89 -16.35
CA GLY A 111 -3.75 -12.11 -15.34
C GLY A 111 -4.59 -11.51 -14.24
N TYR A 112 -5.87 -11.86 -14.19
CA TYR A 112 -6.83 -11.17 -13.33
C TYR A 112 -7.71 -12.12 -12.51
N THR A 113 -7.51 -13.43 -12.61
CA THR A 113 -8.37 -14.31 -11.84
C THR A 113 -7.52 -15.27 -11.04
N PRO A 114 -8.04 -15.77 -9.91
CA PRO A 114 -7.20 -16.61 -9.06
C PRO A 114 -7.07 -18.01 -9.64
N PHE A 115 -6.00 -18.70 -9.22
CA PHE A 115 -5.71 -20.08 -9.59
C PHE A 115 -4.91 -20.75 -8.47
N GLU A 116 -5.31 -21.97 -8.10
CA GLU A 116 -4.79 -22.62 -6.90
C GLU A 116 -4.47 -24.07 -7.23
N ALA A 117 -3.56 -24.65 -6.45
CA ALA A 117 -3.36 -26.09 -6.53
C ALA A 117 -3.13 -26.68 -5.15
N ASP A 118 -3.73 -27.84 -4.95
CA ASP A 118 -3.43 -28.62 -3.76
C ASP A 118 -1.95 -28.98 -3.78
N VAL A 119 -1.28 -28.77 -2.65
CA VAL A 119 0.15 -29.02 -2.57
C VAL A 119 0.45 -29.98 -1.43
N THR A 120 -0.57 -30.68 -0.92
CA THR A 120 -0.34 -31.60 0.20
C THR A 120 0.79 -32.59 -0.06
N PRO A 121 0.82 -33.37 -1.15
CA PRO A 121 1.89 -34.37 -1.31
C PRO A 121 3.29 -33.79 -1.43
N TYR A 122 3.44 -32.51 -1.79
CA TYR A 122 4.73 -31.99 -2.21
C TYR A 122 5.41 -31.13 -1.15
N VAL A 123 4.93 -31.15 0.08
CA VAL A 123 5.48 -30.30 1.12
C VAL A 123 5.65 -31.10 2.41
N ILE A 124 6.67 -30.75 3.19
CA ILE A 124 6.84 -31.31 4.53
C ILE A 124 6.26 -30.31 5.52
N ALA A 125 5.14 -30.68 6.15
CA ALA A 125 4.57 -29.84 7.19
C ALA A 125 5.60 -29.63 8.28
N GLY A 126 5.61 -28.45 8.86
CA GLY A 126 6.56 -28.16 9.91
C GLY A 126 7.91 -27.68 9.45
N LYS A 127 8.22 -27.72 8.15
CA LYS A 127 9.46 -27.14 7.64
C LYS A 127 9.17 -26.28 6.40
N SER A 128 10.23 -25.66 5.87
CA SER A 128 10.11 -24.57 4.91
C SER A 128 10.38 -25.07 3.50
N VAL A 129 9.44 -24.77 2.60
CA VAL A 129 9.59 -25.04 1.19
C VAL A 129 9.85 -23.72 0.44
N ARG A 130 10.52 -23.84 -0.70
CA ARG A 130 10.87 -22.72 -1.57
C ARG A 130 9.88 -22.57 -2.73
N ILE A 131 9.28 -21.39 -2.86
CA ILE A 131 8.32 -21.11 -3.92
C ILE A 131 8.97 -20.28 -5.02
N THR A 132 8.91 -20.78 -6.24
CA THR A 132 9.46 -20.09 -7.40
C THR A 132 8.31 -19.84 -8.38
N VAL A 133 8.23 -18.63 -8.90
CA VAL A 133 7.20 -18.24 -9.84
C VAL A 133 7.89 -17.70 -11.08
N CYS A 134 7.39 -18.13 -12.24
CA CYS A 134 7.81 -17.61 -13.53
C CYS A 134 6.63 -16.82 -14.10
N VAL A 135 6.85 -15.53 -14.34
CA VAL A 135 5.78 -14.64 -14.77
C VAL A 135 6.10 -14.14 -16.17
N ASN A 136 5.12 -14.23 -17.04
CA ASN A 136 5.23 -13.75 -18.40
C ASN A 136 4.23 -12.62 -18.56
N ASN A 137 4.67 -11.54 -19.19
CA ASN A 137 3.85 -10.35 -19.43
C ASN A 137 3.54 -10.17 -20.91
N GLU A 138 3.72 -11.21 -21.72
CA GLU A 138 3.56 -11.06 -23.16
C GLU A 138 2.13 -11.35 -23.58
N LEU A 139 1.70 -10.66 -24.63
CA LEU A 139 0.35 -10.78 -25.17
C LEU A 139 0.48 -11.11 -26.65
N ASN A 140 -0.28 -12.09 -27.10
CA ASN A 140 -0.42 -12.38 -28.52
C ASN A 140 -1.91 -12.35 -28.85
N TRP A 141 -2.27 -12.80 -30.06
CA TRP A 141 -3.65 -12.72 -30.47
C TRP A 141 -4.57 -13.71 -29.76
N GLN A 142 -4.03 -14.69 -29.03
CA GLN A 142 -4.88 -15.61 -28.29
C GLN A 142 -4.87 -15.33 -26.81
N THR A 143 -4.47 -14.14 -26.38
CA THR A 143 -4.53 -13.87 -24.96
C THR A 143 -5.69 -12.91 -24.78
N ILE A 144 -6.27 -12.94 -23.59
CA ILE A 144 -7.28 -11.95 -23.21
C ILE A 144 -6.61 -11.02 -22.22
N PRO A 145 -6.27 -9.79 -22.62
CA PRO A 145 -6.42 -9.11 -23.91
C PRO A 145 -5.39 -9.48 -24.98
N PRO A 146 -5.72 -9.23 -26.24
CA PRO A 146 -4.79 -9.51 -27.34
C PRO A 146 -3.74 -8.41 -27.46
N GLY A 147 -2.59 -8.79 -28.02
CA GLY A 147 -1.53 -7.86 -28.32
C GLY A 147 -0.59 -8.51 -29.32
N MET A 148 0.46 -7.78 -29.71
CA MET A 148 1.51 -8.33 -30.56
C MET A 148 2.88 -7.98 -30.02
N VAL A 149 3.73 -8.96 -29.97
CA VAL A 149 5.09 -8.78 -29.51
C VAL A 149 5.92 -8.39 -30.73
N ILE A 150 6.66 -7.29 -30.60
CA ILE A 150 7.54 -6.85 -31.67
C ILE A 150 8.96 -7.09 -31.22
N THR A 151 9.67 -7.91 -31.98
CA THR A 151 11.09 -8.19 -31.75
C THR A 151 11.91 -7.40 -32.75
N ASP A 152 12.84 -6.55 -32.24
CA ASP A 152 13.66 -5.75 -33.13
C ASP A 152 14.87 -6.56 -33.62
N GLU A 153 15.76 -5.91 -34.37
CA GLU A 153 16.86 -6.62 -35.01
C GLU A 153 17.75 -7.28 -33.98
N ASN A 154 17.77 -6.77 -32.74
CA ASN A 154 18.68 -7.25 -31.72
C ASN A 154 18.00 -8.15 -30.68
N GLY A 155 16.76 -8.59 -30.95
CA GLY A 155 16.07 -9.50 -30.06
C GLY A 155 15.46 -8.87 -28.81
N LYS A 156 15.48 -7.55 -28.71
CA LYS A 156 14.73 -6.86 -27.65
C LYS A 156 13.22 -6.96 -27.95
N LYS A 157 12.49 -7.61 -27.05
CA LYS A 157 11.04 -7.71 -27.16
C LYS A 157 10.40 -6.43 -26.58
N LYS A 158 9.54 -5.81 -27.40
CA LYS A 158 8.72 -4.65 -27.03
C LYS A 158 7.26 -5.00 -27.33
N GLN A 159 6.39 -4.86 -26.32
CA GLN A 159 5.00 -5.32 -26.49
C GLN A 159 4.07 -4.21 -26.96
N SER A 160 3.37 -4.45 -28.06
CA SER A 160 2.33 -3.52 -28.44
C SER A 160 0.99 -4.18 -28.21
N TYR A 161 0.01 -3.36 -27.89
CA TYR A 161 -1.34 -3.81 -27.59
C TYR A 161 -2.26 -2.71 -28.05
N PHE A 162 -3.57 -2.96 -28.00
CA PHE A 162 -4.51 -2.04 -28.61
C PHE A 162 -5.47 -1.43 -27.60
N HIS A 163 -5.13 -1.47 -26.30
CA HIS A 163 -5.91 -0.80 -25.28
C HIS A 163 -5.16 0.40 -24.69
N ASP A 164 -5.91 1.27 -24.01
CA ASP A 164 -5.32 2.48 -23.49
C ASP A 164 -4.35 2.17 -22.37
N PHE A 165 -4.85 1.62 -21.26
CA PHE A 165 -4.09 1.56 -20.02
C PHE A 165 -2.78 0.79 -20.18
N PHE A 166 -1.80 1.14 -19.34
CA PHE A 166 -0.47 0.54 -19.44
C PHE A 166 -0.49 -0.95 -19.08
N ASN A 167 0.34 -1.72 -19.76
CA ASN A 167 0.38 -3.18 -19.61
C ASN A 167 1.21 -3.56 -18.39
N TYR A 168 0.74 -3.13 -17.21
CA TYR A 168 1.42 -3.51 -15.96
C TYR A 168 1.32 -5.02 -15.77
N ALA A 169 2.37 -5.60 -15.22
CA ALA A 169 2.44 -7.04 -15.03
C ALA A 169 3.04 -7.34 -13.67
N GLY A 170 3.00 -8.61 -13.31
CA GLY A 170 3.59 -9.07 -12.08
C GLY A 170 2.55 -9.79 -11.25
N ILE A 171 2.89 -10.02 -9.99
CA ILE A 171 1.92 -10.58 -9.05
C ILE A 171 1.17 -9.38 -8.47
N HIS A 172 -0.03 -9.16 -8.97
CA HIS A 172 -0.78 -7.97 -8.58
C HIS A 172 -1.56 -8.13 -7.30
N ARG A 173 -1.88 -9.35 -6.88
CA ARG A 173 -2.71 -9.48 -5.70
C ARG A 173 -2.18 -10.52 -4.74
N SER A 174 -3.07 -11.12 -3.97
CA SER A 174 -2.75 -12.04 -2.89
C SER A 174 -2.11 -13.36 -3.34
N VAL A 175 -1.08 -13.78 -2.58
CA VAL A 175 -0.51 -15.14 -2.65
C VAL A 175 -0.56 -15.79 -1.28
N MET A 176 -1.33 -16.86 -1.13
CA MET A 176 -1.53 -17.48 0.18
C MET A 176 -1.70 -18.98 0.12
N LEU A 177 -1.33 -19.62 1.23
CA LEU A 177 -1.49 -21.05 1.46
C LEU A 177 -2.60 -21.21 2.49
N TYR A 178 -3.58 -22.07 2.21
CA TYR A 178 -4.68 -22.22 3.14
C TYR A 178 -5.14 -23.67 3.22
N THR A 179 -5.61 -24.04 4.41
CA THR A 179 -5.95 -25.41 4.74
C THR A 179 -7.43 -25.60 5.01
N THR A 180 -7.99 -26.62 4.37
CA THR A 180 -9.35 -27.11 4.50
C THR A 180 -9.28 -28.55 5.00
N PRO A 181 -10.34 -29.05 5.62
CA PRO A 181 -10.36 -30.47 6.01
C PRO A 181 -10.45 -31.37 4.79
N ASN A 182 -9.99 -32.61 4.95
CA ASN A 182 -9.95 -33.52 3.82
C ASN A 182 -11.33 -33.81 3.27
N THR A 183 -12.37 -33.48 4.04
CA THR A 183 -13.74 -33.33 3.53
C THR A 183 -14.13 -31.85 3.64
N TRP A 184 -14.35 -31.21 2.49
CA TRP A 184 -14.41 -29.76 2.40
C TRP A 184 -15.44 -29.33 1.36
N VAL A 185 -16.03 -28.16 1.57
CA VAL A 185 -16.83 -27.55 0.52
C VAL A 185 -15.89 -27.14 -0.62
N ASP A 186 -16.31 -27.37 -1.86
CA ASP A 186 -15.46 -27.03 -2.98
C ASP A 186 -16.07 -25.99 -3.91
N ASP A 187 -17.39 -25.90 -3.97
CA ASP A 187 -18.02 -24.87 -4.76
C ASP A 187 -19.44 -24.70 -4.23
N ILE A 188 -19.96 -23.50 -4.41
CA ILE A 188 -21.28 -23.12 -3.91
C ILE A 188 -21.95 -22.33 -5.01
N THR A 189 -23.25 -22.45 -5.11
CA THR A 189 -23.97 -21.57 -6.02
C THR A 189 -25.28 -21.22 -5.35
N VAL A 190 -25.58 -19.92 -5.34
CA VAL A 190 -26.77 -19.38 -4.70
C VAL A 190 -27.51 -18.52 -5.72
N VAL A 191 -28.82 -18.69 -5.78
CA VAL A 191 -29.70 -17.91 -6.64
C VAL A 191 -30.86 -17.41 -5.81
N THR A 192 -31.30 -16.19 -6.09
CA THR A 192 -32.32 -15.49 -5.33
C THR A 192 -33.51 -15.17 -6.21
N HIS A 193 -34.70 -15.50 -5.75
CA HIS A 193 -35.92 -15.07 -6.41
C HIS A 193 -36.72 -14.23 -5.42
N VAL A 194 -37.53 -13.29 -5.93
CA VAL A 194 -38.32 -12.36 -5.11
C VAL A 194 -39.55 -11.92 -5.92
N ALA A 195 -40.71 -11.84 -5.24
CA ALA A 195 -41.94 -11.52 -5.94
C ALA A 195 -42.49 -10.08 -5.49
N GLN A 196 -43.34 -10.00 -4.50
CA GLN A 196 -43.87 -8.72 -4.01
C GLN A 196 -43.00 -8.09 -2.94
N ASP A 197 -41.72 -8.44 -2.92
CA ASP A 197 -40.69 -7.89 -2.05
C ASP A 197 -40.83 -8.29 -0.58
N CYS A 198 -41.70 -9.25 -0.26
CA CYS A 198 -41.72 -9.76 1.11
C CYS A 198 -41.87 -11.28 1.13
N ASN A 199 -41.36 -11.98 0.11
CA ASN A 199 -41.84 -13.34 -0.08
C ASN A 199 -41.02 -14.37 -0.84
N HIS A 200 -39.70 -14.29 -0.98
CA HIS A 200 -39.21 -15.45 -1.69
C HIS A 200 -37.95 -16.06 -1.09
N ALA A 201 -37.43 -16.99 -1.89
CA ALA A 201 -36.55 -18.10 -1.57
C ALA A 201 -35.16 -17.86 -2.11
N SER A 202 -34.28 -18.74 -1.66
CA SER A 202 -32.91 -18.79 -2.11
C SER A 202 -32.69 -20.26 -2.47
N VAL A 203 -32.87 -20.54 -3.76
CA VAL A 203 -32.33 -21.73 -4.41
C VAL A 203 -30.85 -21.89 -4.03
N ASP A 204 -30.41 -23.14 -3.87
CA ASP A 204 -28.99 -23.46 -3.74
C ASP A 204 -28.61 -24.71 -4.53
N TRP A 205 -27.30 -24.82 -4.81
CA TRP A 205 -26.68 -26.00 -5.43
C TRP A 205 -25.19 -26.05 -5.07
N GLN A 206 -24.80 -27.06 -4.29
CA GLN A 206 -23.49 -27.20 -3.64
C GLN A 206 -22.67 -28.34 -4.23
N VAL A 207 -21.36 -28.26 -4.02
CA VAL A 207 -20.42 -29.36 -4.30
C VAL A 207 -19.37 -29.40 -3.21
N ALA A 209 -17.74 -32.01 -1.69
CA ALA A 209 -16.57 -32.85 -1.96
C ALA A 209 -16.44 -34.01 -0.94
N ASN A 210 -17.19 -35.08 -1.21
CA ASN A 210 -17.36 -36.19 -0.28
C ASN A 210 -17.74 -35.65 1.11
N GLY A 211 -18.93 -35.09 1.11
CA GLY A 211 -19.47 -34.62 2.36
C GLY A 211 -20.94 -34.37 2.17
N ASP A 212 -21.66 -34.81 3.18
CA ASP A 212 -23.09 -34.67 3.26
C ASP A 212 -23.31 -33.21 3.73
N VAL A 213 -24.24 -32.47 3.15
CA VAL A 213 -24.28 -31.02 3.43
C VAL A 213 -25.64 -30.54 3.92
N SER A 214 -25.60 -29.62 4.91
CA SER A 214 -26.74 -28.91 5.48
C SER A 214 -26.38 -27.43 5.48
N VAL A 215 -27.36 -26.58 5.24
CA VAL A 215 -27.07 -25.16 5.11
C VAL A 215 -27.99 -24.40 6.04
N GLU A 216 -27.41 -23.54 6.89
CA GLU A 216 -28.19 -22.63 7.71
C GLU A 216 -28.10 -21.23 7.16
N LEU A 217 -29.24 -20.56 7.11
CA LEU A 217 -29.33 -19.20 6.59
C LEU A 217 -29.51 -18.29 7.80
N ARG A 218 -28.39 -17.84 8.34
CA ARG A 218 -28.30 -17.02 9.53
C ARG A 218 -28.41 -15.54 9.20
N ASP A 219 -28.78 -14.79 10.23
CA ASP A 219 -29.24 -13.42 10.11
C ASP A 219 -28.03 -12.50 10.14
N ALA A 220 -28.25 -11.20 9.99
CA ALA A 220 -27.20 -10.29 10.42
C ALA A 220 -27.01 -10.40 11.93
N ASP A 221 -28.11 -10.64 12.67
CA ASP A 221 -28.16 -10.97 14.09
C ASP A 221 -27.72 -12.38 14.38
N GLN A 222 -27.33 -13.13 13.36
CA GLN A 222 -26.96 -14.53 13.45
C GLN A 222 -28.13 -15.39 13.95
N GLN A 223 -29.36 -14.94 13.76
CA GLN A 223 -30.53 -15.77 14.03
C GLN A 223 -30.84 -16.60 12.80
N VAL A 224 -31.08 -17.89 13.01
CA VAL A 224 -31.31 -18.80 11.89
C VAL A 224 -32.76 -18.66 11.47
N VAL A 225 -33.04 -18.64 10.17
CA VAL A 225 -34.39 -18.56 9.66
C VAL A 225 -34.67 -19.53 8.52
N ALA A 226 -33.68 -20.33 8.11
CA ALA A 226 -33.91 -21.36 7.11
C ALA A 226 -32.79 -22.38 7.20
N THR A 227 -33.12 -23.59 6.73
CA THR A 227 -32.29 -24.77 6.89
C THR A 227 -32.54 -25.69 5.71
N GLY A 228 -31.48 -26.27 5.13
CA GLY A 228 -31.69 -27.28 4.12
C GLY A 228 -30.62 -28.35 4.17
N GLN A 229 -30.85 -29.43 3.41
CA GLN A 229 -29.81 -30.44 3.19
C GLN A 229 -29.96 -31.01 1.79
N GLY A 230 -28.83 -31.40 1.21
CA GLY A 230 -28.81 -31.88 -0.16
C GLY A 230 -27.67 -31.29 -0.97
N THR A 231 -26.71 -32.14 -1.37
CA THR A 231 -25.66 -31.71 -2.29
C THR A 231 -26.31 -31.02 -3.48
N SER A 232 -27.31 -31.67 -4.08
CA SER A 232 -28.13 -30.86 -4.95
C SER A 232 -29.02 -30.02 -4.03
N GLY A 233 -28.89 -28.72 -4.14
CA GLY A 233 -29.52 -27.83 -3.22
C GLY A 233 -31.02 -27.78 -3.27
N THR A 234 -31.54 -26.58 -3.09
CA THR A 234 -32.82 -26.46 -2.42
C THR A 234 -33.48 -25.20 -2.92
N LEU A 235 -34.56 -24.84 -2.26
CA LEU A 235 -35.19 -23.53 -2.34
C LEU A 235 -35.55 -23.26 -0.90
N GLN A 236 -34.79 -22.39 -0.21
CA GLN A 236 -35.14 -22.02 1.16
C GLN A 236 -36.13 -20.87 1.02
N VAL A 237 -37.36 -21.07 1.43
CA VAL A 237 -38.31 -19.99 1.15
C VAL A 237 -38.36 -19.06 2.36
N VAL A 238 -38.52 -17.76 2.12
CA VAL A 238 -38.23 -16.79 3.17
C VAL A 238 -39.09 -15.53 2.99
N ASN A 239 -39.52 -14.92 4.12
CA ASN A 239 -39.96 -13.52 4.06
C ASN A 239 -38.84 -12.65 4.61
N PRO A 240 -38.29 -11.67 3.83
CA PRO A 240 -36.93 -11.19 4.09
C PRO A 240 -36.75 -9.68 4.12
N HIS A 241 -35.54 -9.26 4.45
CA HIS A 241 -35.11 -7.90 4.18
C HIS A 241 -34.14 -7.96 2.99
N LEU A 242 -34.52 -7.28 1.90
CA LEU A 242 -33.85 -7.43 0.61
C LEU A 242 -32.52 -6.67 0.54
N TRP A 243 -31.58 -7.24 -0.22
CA TRP A 243 -30.37 -6.54 -0.63
C TRP A 243 -30.74 -5.45 -1.63
N GLN A 244 -30.57 -4.22 -1.21
CA GLN A 244 -30.95 -3.02 -1.92
C GLN A 244 -29.72 -2.25 -2.34
N PRO A 245 -29.82 -1.42 -3.39
CA PRO A 245 -28.67 -0.57 -3.75
C PRO A 245 -28.24 0.37 -2.63
N GLY A 246 -29.14 1.07 -1.97
CA GLY A 246 -28.63 2.01 -0.98
C GLY A 246 -27.93 1.37 0.22
N GLU A 247 -28.39 0.19 0.68
CA GLU A 247 -27.89 -0.35 1.93
C GLU A 247 -27.17 -1.69 1.79
N GLY A 248 -27.69 -2.61 0.96
CA GLY A 248 -27.02 -3.87 0.76
C GLY A 248 -27.02 -4.78 1.96
N TYR A 249 -28.21 -5.24 2.35
CA TYR A 249 -28.33 -6.18 3.46
C TYR A 249 -27.75 -7.54 3.05
N LEU A 250 -27.14 -8.21 4.01
CA LEU A 250 -26.56 -9.51 3.73
C LEU A 250 -27.04 -10.53 4.75
N TYR A 251 -27.65 -11.59 4.23
CA TYR A 251 -27.76 -12.76 5.07
C TYR A 251 -26.46 -13.51 4.97
N GLU A 252 -26.36 -14.53 5.79
CA GLU A 252 -25.19 -15.37 5.75
C GLU A 252 -25.74 -16.76 5.52
N LEU A 253 -25.45 -17.34 4.36
CA LEU A 253 -25.75 -18.73 4.20
C LEU A 253 -24.45 -19.49 4.42
N CYS A 254 -24.47 -20.37 5.40
CA CYS A 254 -23.33 -21.18 5.78
C CYS A 254 -23.62 -22.63 5.45
N VAL A 255 -22.70 -23.27 4.73
CA VAL A 255 -22.87 -24.64 4.26
C VAL A 255 -21.99 -25.50 5.16
N THR A 256 -22.56 -26.61 5.67
CA THR A 256 -21.89 -27.53 6.60
C THR A 256 -21.68 -28.83 5.84
N ALA A 257 -20.40 -29.14 5.57
CA ALA A 257 -20.01 -30.36 4.90
C ALA A 257 -19.52 -31.38 5.97
N LYS A 258 -20.41 -32.30 6.35
CA LYS A 258 -20.15 -33.34 7.35
C LYS A 258 -19.79 -34.65 6.64
N SER A 259 -18.58 -35.12 6.93
CA SER A 259 -18.17 -36.49 6.74
C SER A 259 -18.31 -37.15 8.10
N GLN A 260 -18.32 -38.48 8.14
CA GLN A 260 -18.66 -39.10 9.42
C GLN A 260 -17.60 -38.84 10.48
N THR A 261 -16.34 -38.64 10.10
CA THR A 261 -15.37 -38.22 11.11
C THR A 261 -15.21 -36.70 11.20
N GLU A 262 -14.53 -36.09 10.23
CA GLU A 262 -14.26 -34.66 10.29
C GLU A 262 -15.30 -33.87 9.50
N CYS A 263 -15.30 -32.56 9.73
CA CYS A 263 -16.27 -31.66 9.16
C CYS A 263 -15.55 -30.45 8.58
N ASP A 264 -16.22 -29.75 7.66
CA ASP A 264 -15.78 -28.46 7.13
C ASP A 264 -17.00 -27.58 6.93
N ILE A 265 -16.86 -26.28 7.13
CA ILE A 265 -18.03 -25.46 6.94
C ILE A 265 -17.59 -24.19 6.24
N TYR A 266 -18.45 -23.61 5.40
CA TYR A 266 -18.00 -22.48 4.62
C TYR A 266 -19.04 -21.39 4.77
N PRO A 267 -18.62 -20.20 5.16
CA PRO A 267 -19.52 -19.08 5.31
C PRO A 267 -19.58 -18.30 4.01
N LEU A 268 -20.78 -18.05 3.50
CA LEU A 268 -20.95 -17.33 2.27
C LEU A 268 -22.08 -16.31 2.41
N ARG A 269 -21.75 -15.04 2.24
CA ARG A 269 -22.73 -13.98 2.41
C ARG A 269 -23.61 -13.94 1.19
N VAL A 270 -24.89 -13.61 1.38
CA VAL A 270 -25.79 -13.58 0.25
C VAL A 270 -26.63 -12.32 0.33
N GLY A 271 -26.94 -11.76 -0.83
CA GLY A 271 -27.81 -10.63 -0.90
C GLY A 271 -29.03 -11.11 -1.63
N ILE A 272 -30.19 -10.90 -1.03
CA ILE A 272 -31.45 -11.38 -1.59
C ILE A 272 -31.90 -10.26 -2.51
N ARG A 273 -31.70 -10.45 -3.81
CA ARG A 273 -32.16 -9.44 -4.75
C ARG A 273 -32.38 -10.05 -6.11
N SER A 274 -33.26 -9.39 -6.87
CA SER A 274 -33.64 -9.84 -8.20
C SER A 274 -33.17 -8.81 -9.22
N VAL A 275 -32.55 -9.26 -10.30
CA VAL A 275 -32.09 -8.38 -11.37
C VAL A 275 -32.78 -8.80 -12.66
N ALA A 276 -33.28 -7.82 -13.41
CA ALA A 276 -33.90 -8.16 -14.69
C ALA A 276 -33.98 -6.91 -15.56
N VAL A 277 -34.26 -7.14 -16.83
CA VAL A 277 -34.38 -6.12 -17.85
C VAL A 277 -35.76 -6.28 -18.43
N LYS A 278 -36.49 -5.17 -18.58
CA LYS A 278 -37.85 -5.18 -19.11
C LYS A 278 -38.02 -3.94 -19.98
N GLY A 279 -38.26 -4.12 -21.27
CA GLY A 279 -38.26 -2.96 -22.13
C GLY A 279 -36.93 -2.24 -22.01
N GLU A 280 -37.00 -0.94 -21.75
CA GLU A 280 -35.80 -0.14 -21.51
C GLU A 280 -35.56 0.17 -20.04
N GLN A 281 -35.82 -0.79 -19.18
CA GLN A 281 -35.69 -0.59 -17.75
C GLN A 281 -34.86 -1.70 -17.11
N PHE A 282 -33.94 -1.28 -16.27
CA PHE A 282 -33.08 -2.16 -15.50
C PHE A 282 -33.61 -2.17 -14.07
N LEU A 283 -34.07 -3.34 -13.63
CA LEU A 283 -34.70 -3.42 -12.34
C LEU A 283 -33.96 -4.34 -11.39
N ILE A 284 -33.69 -3.79 -10.21
CA ILE A 284 -33.14 -4.47 -9.05
C ILE A 284 -34.32 -4.60 -8.09
N ASN A 285 -34.80 -5.80 -7.82
CA ASN A 285 -35.95 -5.97 -6.94
C ASN A 285 -37.19 -5.26 -7.49
N HIS A 286 -37.43 -5.39 -8.78
CA HIS A 286 -38.68 -4.98 -9.41
C HIS A 286 -38.94 -3.47 -9.39
N LYS A 287 -37.91 -2.63 -9.24
CA LYS A 287 -38.00 -1.17 -9.34
C LYS A 287 -36.98 -0.71 -10.37
N PRO A 288 -37.30 0.27 -11.16
CA PRO A 288 -36.29 0.75 -12.12
C PRO A 288 -35.17 1.51 -11.44
N PHE A 289 -33.97 0.97 -11.50
CA PHE A 289 -32.74 1.62 -11.02
C PHE A 289 -32.18 2.62 -12.04
N TYR A 290 -31.47 3.65 -11.54
CA TYR A 290 -30.65 4.57 -12.36
C TYR A 290 -29.18 4.52 -11.89
N PHE A 291 -28.27 4.15 -12.81
CA PHE A 291 -26.84 4.03 -12.50
C PHE A 291 -26.12 5.38 -12.50
N THR A 292 -25.30 5.62 -11.49
CA THR A 292 -24.36 6.74 -11.51
C THR A 292 -23.00 6.24 -11.05
N GLY A 293 -21.94 6.84 -11.54
CA GLY A 293 -20.63 6.46 -11.03
C GLY A 293 -19.56 6.52 -12.11
N PHE A 294 -18.71 5.50 -12.12
CA PHE A 294 -17.46 5.60 -12.85
C PHE A 294 -17.12 4.30 -13.57
N GLY A 295 -16.34 4.46 -14.63
CA GLY A 295 -15.40 3.44 -14.98
C GLY A 295 -14.18 3.63 -14.09
N ARG A 296 -13.60 2.55 -13.66
CA ARG A 296 -12.46 2.72 -12.77
C ARG A 296 -11.27 2.07 -13.44
N HIS A 297 -10.18 1.97 -12.71
CA HIS A 297 -8.99 1.24 -13.12
C HIS A 297 -8.31 0.77 -11.84
N GLU A 298 -7.56 -0.32 -11.93
CA GLU A 298 -6.68 -0.71 -10.82
C GLU A 298 -5.30 -0.15 -11.18
N ASP A 299 -5.09 1.11 -10.83
CA ASP A 299 -3.85 1.85 -11.13
C ASP A 299 -3.63 2.88 -10.05
N ALA A 300 -2.37 3.05 -9.70
CA ALA A 300 -2.01 3.89 -8.59
C ALA A 300 -0.51 4.05 -8.63
N ASP A 301 -0.03 5.04 -7.90
CA ASP A 301 1.37 5.39 -7.97
C ASP A 301 2.24 4.32 -7.36
N LEU A 302 3.39 4.08 -8.01
CA LEU A 302 4.45 3.15 -7.61
C LEU A 302 4.04 1.67 -7.69
N ARG A 303 2.84 1.34 -7.24
CA ARG A 303 2.41 -0.05 -7.18
C ARG A 303 1.70 -0.53 -8.44
N GLY A 304 1.52 0.33 -9.45
CA GLY A 304 0.82 -0.12 -10.65
C GLY A 304 -0.58 -0.61 -10.32
N LYS A 305 -0.86 -1.84 -10.72
CA LYS A 305 -2.15 -2.48 -10.53
C LYS A 305 -2.23 -3.26 -9.22
N GLY A 306 -1.20 -3.14 -8.36
CA GLY A 306 -1.15 -3.92 -7.15
C GLY A 306 -2.24 -3.53 -6.17
N PHE A 307 -2.84 -4.54 -5.52
CA PHE A 307 -3.93 -4.24 -4.61
C PHE A 307 -3.38 -3.59 -3.34
N ASP A 308 -4.14 -2.63 -2.82
CA ASP A 308 -3.76 -1.90 -1.61
C ASP A 308 -5.01 -1.52 -0.82
N ASN A 309 -5.00 -1.84 0.49
CA ASN A 309 -6.20 -1.64 1.30
C ASN A 309 -6.52 -0.16 1.50
N VAL A 310 -5.50 0.68 1.76
CA VAL A 310 -5.75 2.11 1.97
C VAL A 310 -6.41 2.72 0.74
N LEU A 311 -5.96 2.31 -0.46
CA LEU A 311 -6.55 2.78 -1.70
C LEU A 311 -8.01 2.38 -1.81
N MET A 312 -8.35 1.18 -1.40
CA MET A 312 -9.74 0.79 -1.48
C MET A 312 -10.59 1.60 -0.51
N VAL A 313 -10.10 1.79 0.72
CA VAL A 313 -10.85 2.57 1.72
C VAL A 313 -11.07 3.99 1.21
N HIS A 314 -9.99 4.63 0.72
CA HIS A 314 -10.01 6.03 0.27
C HIS A 314 -10.85 6.23 -0.98
N ASP A 315 -10.68 5.36 -1.97
CA ASP A 315 -11.46 5.52 -3.18
C ASP A 315 -12.95 5.27 -2.95
N HIS A 316 -13.30 4.37 -2.03
CA HIS A 316 -14.72 4.24 -1.72
C HIS A 316 -15.23 5.43 -0.93
N ALA A 317 -14.40 6.01 -0.05
CA ALA A 317 -14.81 7.24 0.62
C ALA A 317 -15.11 8.33 -0.39
N LEU A 318 -14.21 8.52 -1.38
CA LEU A 318 -14.45 9.51 -2.43
C LEU A 318 -15.71 9.19 -3.22
N MET A 319 -15.87 7.95 -3.66
CA MET A 319 -17.03 7.61 -4.49
C MET A 319 -18.34 7.78 -3.72
N ASP A 320 -18.33 7.41 -2.45
CA ASP A 320 -19.46 7.65 -1.57
C ASP A 320 -19.75 9.14 -1.44
N TRP A 321 -18.70 9.94 -1.25
CA TRP A 321 -18.89 11.38 -1.14
C TRP A 321 -19.50 11.94 -2.43
N ILE A 322 -18.95 11.54 -3.57
CA ILE A 322 -19.37 12.17 -4.80
C ILE A 322 -20.80 11.80 -5.16
N GLY A 323 -21.33 10.72 -4.57
CA GLY A 323 -22.69 10.31 -4.84
C GLY A 323 -22.81 9.16 -5.83
N ALA A 324 -21.71 8.52 -6.19
CA ALA A 324 -21.77 7.40 -7.12
C ALA A 324 -22.47 6.21 -6.47
N ASN A 325 -23.30 5.52 -7.26
CA ASN A 325 -23.91 4.30 -6.77
C ASN A 325 -23.45 3.06 -7.51
N SER A 326 -22.70 3.21 -8.58
CA SER A 326 -22.34 2.02 -9.35
C SER A 326 -20.96 2.21 -9.92
N TYR A 327 -20.35 1.11 -10.34
CA TYR A 327 -19.15 1.27 -11.15
C TYR A 327 -18.95 0.02 -12.00
N ARG A 328 -18.14 0.16 -13.05
CA ARG A 328 -17.80 -0.95 -13.92
C ARG A 328 -16.35 -1.31 -13.70
N THR A 329 -16.07 -2.60 -13.53
CA THR A 329 -14.69 -3.03 -13.33
C THR A 329 -13.91 -2.90 -14.64
N SER A 330 -13.60 -1.66 -15.03
CA SER A 330 -13.19 -1.35 -16.41
C SER A 330 -11.92 -2.12 -16.79
N HIS A 331 -12.12 -2.99 -17.80
CA HIS A 331 -11.22 -3.67 -18.72
C HIS A 331 -10.51 -4.90 -18.16
N TYR A 332 -10.87 -5.35 -16.97
CA TYR A 332 -10.39 -6.61 -16.39
C TYR A 332 -11.14 -6.83 -15.09
N PRO A 333 -11.23 -8.08 -14.62
CA PRO A 333 -11.86 -8.34 -13.32
C PRO A 333 -11.01 -7.73 -12.21
N TYR A 334 -11.68 -7.10 -11.25
CA TYR A 334 -10.95 -6.42 -10.18
C TYR A 334 -10.63 -7.41 -9.06
N ALA A 335 -9.93 -6.90 -8.04
CA ALA A 335 -9.70 -7.68 -6.83
C ALA A 335 -11.04 -8.04 -6.20
N GLU A 336 -11.16 -9.28 -5.73
CA GLU A 336 -12.40 -9.71 -5.09
C GLU A 336 -12.72 -8.87 -3.85
N GLU A 337 -11.70 -8.33 -3.18
CA GLU A 337 -11.92 -7.45 -2.03
C GLU A 337 -12.82 -6.28 -2.42
N MET A 338 -12.65 -5.82 -3.67
CA MET A 338 -13.55 -4.80 -4.23
C MET A 338 -14.98 -5.28 -4.24
N LEU A 339 -15.22 -6.50 -4.73
CA LEU A 339 -16.60 -6.93 -4.86
C LEU A 339 -17.22 -7.24 -3.52
N ASP A 340 -16.39 -7.71 -2.57
CA ASP A 340 -16.83 -7.90 -1.19
C ASP A 340 -17.25 -6.56 -0.57
N TRP A 341 -16.43 -5.52 -0.76
CA TRP A 341 -16.83 -4.20 -0.30
C TRP A 341 -18.14 -3.80 -0.95
N ALA A 342 -18.28 -4.08 -2.25
CA ALA A 342 -19.50 -3.70 -2.95
C ALA A 342 -20.72 -4.39 -2.35
N ASP A 343 -20.57 -5.66 -1.97
CA ASP A 343 -21.65 -6.40 -1.33
C ASP A 343 -22.04 -5.77 -0.01
N GLU A 344 -21.05 -5.51 0.86
CA GLU A 344 -21.42 -4.95 2.16
C GLU A 344 -22.03 -3.57 2.01
N HIS A 345 -21.67 -2.80 0.98
CA HIS A 345 -22.12 -1.43 0.90
C HIS A 345 -23.26 -1.24 -0.09
N GLY A 346 -23.71 -2.31 -0.74
CA GLY A 346 -24.76 -2.11 -1.72
C GLY A 346 -24.32 -1.28 -2.91
N ILE A 347 -23.13 -1.49 -3.43
CA ILE A 347 -22.74 -0.82 -4.65
C ILE A 347 -23.05 -1.74 -5.83
N VAL A 348 -23.74 -1.19 -6.83
CA VAL A 348 -24.09 -1.92 -8.03
C VAL A 348 -22.89 -1.96 -8.96
N VAL A 349 -22.57 -3.14 -9.46
CA VAL A 349 -21.34 -3.30 -10.22
C VAL A 349 -21.63 -3.93 -11.58
N ILE A 350 -21.03 -3.37 -12.63
CA ILE A 350 -20.96 -4.03 -13.94
C ILE A 350 -19.64 -4.80 -14.03
N ASP A 351 -19.70 -6.11 -13.95
CA ASP A 351 -18.49 -6.92 -13.99
C ASP A 351 -18.04 -7.15 -15.43
N GLU A 352 -16.74 -6.98 -15.72
CA GLU A 352 -16.24 -7.01 -17.09
C GLU A 352 -15.01 -7.92 -17.20
N THR A 353 -14.91 -8.66 -18.30
CA THR A 353 -13.74 -9.49 -18.56
C THR A 353 -12.59 -8.61 -19.02
N ALA A 354 -11.49 -9.24 -19.42
CA ALA A 354 -10.30 -8.53 -19.85
C ALA A 354 -10.24 -8.42 -21.37
N ALA A 355 -11.38 -8.62 -22.04
CA ALA A 355 -11.42 -8.71 -23.50
C ALA A 355 -11.53 -7.29 -24.08
N VAL A 356 -10.41 -6.59 -24.10
CA VAL A 356 -10.34 -5.23 -24.58
C VAL A 356 -9.30 -5.19 -25.68
N GLY A 357 -9.49 -4.31 -26.65
CA GLY A 357 -8.55 -4.19 -27.74
C GLY A 357 -8.85 -5.05 -28.94
N PHE A 358 -10.04 -5.65 -29.02
CA PHE A 358 -10.48 -6.38 -30.21
C PHE A 358 -10.99 -5.37 -31.22
N ASN A 359 -10.06 -4.50 -31.60
CA ASN A 359 -10.36 -3.35 -32.44
C ASN A 359 -9.06 -2.75 -32.94
N LEU A 360 -8.92 -2.59 -34.25
CA LEU A 360 -7.65 -2.06 -34.75
C LEU A 360 -7.83 -0.73 -35.47
N SER A 361 -8.79 0.06 -34.98
CA SER A 361 -9.12 1.37 -35.50
C SER A 361 -8.91 2.50 -34.51
N LEU A 362 -8.77 2.23 -33.21
CA LEU A 362 -8.57 3.32 -32.26
C LEU A 362 -7.07 3.53 -32.04
N GLY A 363 -6.39 3.95 -33.09
CA GLY A 363 -4.97 4.21 -32.96
C GLY A 363 -4.58 5.68 -32.88
N ILE A 364 -3.33 5.92 -32.43
CA ILE A 364 -2.66 7.20 -32.67
C ILE A 364 -2.34 7.12 -34.16
N GLY A 365 -1.81 8.18 -34.76
CA GLY A 365 -1.62 8.19 -36.20
C GLY A 365 -0.19 8.02 -36.66
N PHE A 366 -0.04 8.09 -37.98
CA PHE A 366 1.23 8.12 -38.72
C PHE A 366 2.20 7.03 -38.23
N GLU A 367 1.71 5.77 -38.16
CA GLU A 367 2.65 4.62 -38.13
C GLU A 367 1.95 3.36 -38.66
N ASN A 370 0.98 -1.96 -40.40
CA ASN A 370 1.75 -3.17 -40.10
C ASN A 370 0.86 -4.04 -39.18
N LYS A 371 -0.47 -3.84 -39.30
CA LYS A 371 -1.35 -4.76 -38.57
C LYS A 371 -2.04 -5.73 -39.54
N PRO A 372 -2.54 -6.83 -38.96
CA PRO A 372 -3.35 -7.79 -39.71
C PRO A 372 -4.48 -6.96 -40.22
N LYS A 373 -4.72 -7.05 -41.52
CA LYS A 373 -5.68 -6.22 -42.18
C LYS A 373 -7.07 -6.80 -42.09
N GLU A 374 -7.24 -7.89 -41.34
CA GLU A 374 -8.56 -8.47 -41.09
C GLU A 374 -8.61 -8.84 -39.62
N LEU A 375 -9.49 -8.16 -38.87
CA LEU A 375 -9.51 -8.31 -37.42
C LEU A 375 -9.98 -9.70 -37.05
N TYR A 376 -10.98 -10.18 -37.77
CA TYR A 376 -11.55 -11.50 -37.58
C TYR A 376 -10.98 -12.34 -38.70
N SER A 377 -10.07 -13.23 -38.36
CA SER A 377 -9.36 -14.01 -39.36
C SER A 377 -8.40 -14.97 -38.66
N GLU A 378 -7.69 -15.76 -39.44
CA GLU A 378 -6.76 -16.71 -38.84
C GLU A 378 -5.56 -16.00 -38.26
N GLU A 379 -5.11 -14.93 -38.92
CA GLU A 379 -3.99 -14.14 -38.42
C GLU A 379 -4.33 -13.35 -37.15
N ALA A 380 -5.55 -12.84 -37.03
CA ALA A 380 -5.86 -12.02 -35.86
C ALA A 380 -6.78 -12.73 -34.86
N VAL A 381 -7.97 -12.16 -34.63
CA VAL A 381 -8.93 -12.80 -33.74
C VAL A 381 -9.50 -14.02 -34.46
N ASN A 382 -9.09 -15.20 -34.02
CA ASN A 382 -9.45 -16.47 -34.66
C ASN A 382 -10.13 -17.40 -33.66
N GLY A 383 -10.25 -18.69 -34.00
CA GLY A 383 -11.00 -19.61 -33.16
C GLY A 383 -10.38 -19.81 -31.79
N GLU A 384 -9.05 -19.92 -31.73
CA GLU A 384 -8.40 -20.03 -30.43
C GLU A 384 -8.69 -18.80 -29.58
N THR A 385 -8.68 -17.61 -30.19
CA THR A 385 -9.02 -16.41 -29.44
C THR A 385 -10.40 -16.56 -28.84
N GLN A 386 -11.35 -17.06 -29.63
CA GLN A 386 -12.70 -17.31 -29.12
C GLN A 386 -12.71 -18.28 -27.94
N GLN A 387 -11.95 -19.36 -28.03
CA GLN A 387 -11.95 -20.31 -26.92
C GLN A 387 -11.35 -19.67 -25.66
N ALA A 388 -10.27 -18.92 -25.84
CA ALA A 388 -9.61 -18.23 -24.73
C ALA A 388 -10.54 -17.22 -24.10
N HIS A 389 -11.33 -16.55 -24.94
CA HIS A 389 -12.31 -15.58 -24.47
C HIS A 389 -13.41 -16.25 -23.69
N LEU A 390 -13.97 -17.35 -24.22
CA LEU A 390 -14.96 -18.10 -23.47
C LEU A 390 -14.40 -18.58 -22.14
N GLN A 391 -13.13 -18.98 -22.12
CA GLN A 391 -12.58 -19.42 -20.85
C GLN A 391 -12.42 -18.24 -19.88
N ALA A 392 -12.10 -17.05 -20.40
CA ALA A 392 -12.05 -15.87 -19.55
C ALA A 392 -13.41 -15.56 -18.98
N ILE A 393 -14.46 -15.71 -19.79
CA ILE A 393 -15.83 -15.53 -19.30
C ILE A 393 -16.15 -16.56 -18.22
N LYS A 394 -15.65 -17.79 -18.39
CA LYS A 394 -15.98 -18.83 -17.42
C LYS A 394 -15.28 -18.58 -16.09
N GLU A 395 -14.04 -18.12 -16.14
CA GLU A 395 -13.35 -17.83 -14.89
C GLU A 395 -13.94 -16.63 -14.16
N LEU A 396 -14.24 -15.55 -14.89
CA LEU A 396 -14.87 -14.40 -14.24
C LEU A 396 -16.19 -14.81 -13.56
N ILE A 397 -17.02 -15.58 -14.26
CA ILE A 397 -18.32 -15.98 -13.72
C ILE A 397 -18.16 -16.97 -12.55
N ALA A 398 -17.24 -17.93 -12.66
CA ALA A 398 -17.07 -18.86 -11.54
C ALA A 398 -16.61 -18.12 -10.30
N ARG A 399 -15.89 -17.00 -10.46
CA ARG A 399 -15.44 -16.35 -9.24
C ARG A 399 -16.47 -15.40 -8.64
N ASP A 400 -17.27 -14.69 -9.47
CA ASP A 400 -18.14 -13.65 -8.95
C ASP A 400 -19.63 -13.95 -9.04
N LYS A 401 -20.00 -15.21 -9.27
CA LYS A 401 -21.42 -15.56 -9.47
C LYS A 401 -22.27 -15.25 -8.26
N ASN A 402 -21.75 -15.46 -7.05
CA ASN A 402 -22.60 -15.33 -5.89
C ASN A 402 -22.71 -13.89 -5.39
N HIS A 403 -21.79 -13.02 -5.79
CA HIS A 403 -21.76 -11.66 -5.31
C HIS A 403 -23.04 -10.93 -5.69
N PRO A 404 -23.84 -10.49 -4.71
CA PRO A 404 -25.05 -9.75 -5.07
C PRO A 404 -24.74 -8.42 -5.74
N SER A 405 -23.59 -7.81 -5.42
CA SER A 405 -23.27 -6.54 -6.07
C SER A 405 -23.09 -6.69 -7.58
N VAL A 406 -22.59 -7.82 -8.07
CA VAL A 406 -22.46 -7.95 -9.52
C VAL A 406 -23.85 -8.08 -10.09
N VAL A 407 -24.21 -7.13 -10.94
CA VAL A 407 -25.56 -7.03 -11.44
C VAL A 407 -25.64 -7.21 -12.94
N MET A 408 -24.49 -7.25 -13.64
CA MET A 408 -24.44 -7.46 -15.09
C MET A 408 -23.03 -7.93 -15.49
N TRP A 409 -23.00 -8.76 -16.53
CA TRP A 409 -21.74 -9.29 -17.07
C TRP A 409 -21.36 -8.55 -18.38
N SER A 410 -20.12 -8.07 -18.46
CA SER A 410 -19.61 -7.41 -19.66
C SER A 410 -18.64 -8.33 -20.39
N ILE A 411 -19.00 -8.69 -21.60
CA ILE A 411 -18.22 -9.68 -22.33
C ILE A 411 -16.93 -9.08 -22.87
N ALA A 412 -16.98 -7.83 -23.29
CA ALA A 412 -15.87 -7.20 -23.95
C ALA A 412 -16.09 -5.70 -23.88
N ASN A 413 -15.04 -4.96 -24.21
CA ASN A 413 -15.12 -3.51 -24.27
C ASN A 413 -14.62 -3.04 -25.61
N GLU A 414 -15.47 -2.36 -26.34
CA GLU A 414 -15.21 -1.58 -27.54
C GLU A 414 -14.62 -2.41 -28.70
N PRO A 415 -15.14 -3.60 -29.00
CA PRO A 415 -14.67 -4.28 -30.20
C PRO A 415 -15.17 -3.55 -31.44
N ASP A 416 -14.47 -3.81 -32.55
CA ASP A 416 -14.92 -3.30 -33.83
C ASP A 416 -15.93 -4.29 -34.38
N THR A 417 -17.18 -3.84 -34.52
CA THR A 417 -18.27 -4.73 -34.86
C THR A 417 -18.64 -4.63 -36.34
N ARG A 418 -18.03 -3.74 -37.06
CA ARG A 418 -18.42 -3.55 -38.44
C ARG A 418 -18.08 -4.74 -39.36
N PRO A 419 -16.89 -5.35 -39.27
CA PRO A 419 -16.59 -6.49 -40.16
C PRO A 419 -17.57 -7.63 -39.94
N GLN A 420 -17.95 -8.29 -41.04
CA GLN A 420 -18.62 -9.56 -40.85
C GLN A 420 -17.59 -10.49 -40.25
N GLY A 421 -18.01 -11.22 -39.22
CA GLY A 421 -17.12 -12.02 -38.43
C GLY A 421 -17.03 -11.53 -37.02
N ALA A 422 -17.30 -10.24 -36.79
CA ALA A 422 -17.60 -9.77 -35.43
C ALA A 422 -18.81 -10.52 -34.88
N ARG A 423 -19.91 -10.55 -35.65
CA ARG A 423 -21.08 -11.31 -35.21
C ARG A 423 -20.82 -12.79 -35.15
N GLU A 424 -19.94 -13.28 -36.01
CA GLU A 424 -19.58 -14.69 -35.99
C GLU A 424 -18.74 -15.02 -34.77
N TYR A 425 -17.87 -14.08 -34.38
CA TYR A 425 -17.06 -14.29 -33.19
C TYR A 425 -17.89 -14.16 -31.91
N PHE A 426 -18.76 -13.16 -31.87
CA PHE A 426 -19.43 -12.80 -30.62
C PHE A 426 -20.68 -13.63 -30.33
N ALA A 427 -21.51 -13.91 -31.34
CA ALA A 427 -22.78 -14.58 -31.04
C ALA A 427 -22.58 -15.83 -30.19
N PRO A 428 -21.73 -16.83 -30.57
CA PRO A 428 -21.54 -17.98 -29.68
C PRO A 428 -21.12 -17.59 -28.26
N LEU A 429 -20.31 -16.55 -28.10
CA LEU A 429 -19.92 -16.14 -26.75
C LEU A 429 -21.10 -15.57 -26.01
N ALA A 430 -21.97 -14.82 -26.70
CA ALA A 430 -23.14 -14.29 -26.03
C ALA A 430 -24.01 -15.41 -25.53
N GLU A 431 -24.23 -16.44 -26.38
CA GLU A 431 -25.04 -17.57 -25.98
C GLU A 431 -24.39 -18.32 -24.83
N ALA A 432 -23.10 -18.66 -24.98
CA ALA A 432 -22.41 -19.42 -23.94
C ALA A 432 -22.49 -18.72 -22.60
N THR A 433 -22.43 -17.37 -22.62
CA THR A 433 -22.51 -16.62 -21.38
C THR A 433 -23.90 -16.69 -20.77
N ARG A 434 -24.95 -16.56 -21.60
CA ARG A 434 -26.28 -16.68 -21.02
C ARG A 434 -26.48 -18.05 -20.37
N LYS A 435 -25.99 -19.11 -21.02
CA LYS A 435 -26.10 -20.43 -20.39
C LYS A 435 -25.16 -20.61 -19.19
N LEU A 436 -24.16 -19.73 -19.01
CA LEU A 436 -23.33 -19.90 -17.82
C LEU A 436 -23.84 -19.11 -16.64
N ASP A 437 -24.70 -18.15 -16.87
CA ASP A 437 -25.43 -17.50 -15.80
C ASP A 437 -26.72 -16.89 -16.37
N PRO A 438 -27.83 -17.63 -16.27
CA PRO A 438 -29.10 -17.09 -16.76
C PRO A 438 -29.70 -16.04 -15.85
N THR A 439 -29.18 -15.85 -14.64
CA THR A 439 -29.77 -14.87 -13.73
C THR A 439 -29.26 -13.43 -13.93
N ARG A 440 -28.25 -13.20 -14.75
CA ARG A 440 -27.87 -11.80 -14.91
C ARG A 440 -27.93 -11.34 -16.36
N PRO A 441 -28.26 -10.07 -16.60
CA PRO A 441 -28.24 -9.55 -17.97
C PRO A 441 -26.81 -9.47 -18.49
N ILE A 442 -26.71 -9.34 -19.80
CA ILE A 442 -25.43 -9.49 -20.48
C ILE A 442 -25.17 -8.24 -21.30
N THR A 443 -23.91 -7.80 -21.33
CA THR A 443 -23.61 -6.62 -22.12
C THR A 443 -22.26 -6.70 -22.80
N CYS A 444 -22.11 -5.86 -23.81
CA CYS A 444 -20.88 -5.70 -24.56
C CYS A 444 -20.69 -4.21 -24.84
N VAL A 445 -19.62 -3.61 -24.32
CA VAL A 445 -19.48 -2.16 -24.39
C VAL A 445 -19.10 -1.73 -25.81
N ASN A 446 -19.80 -0.71 -26.33
CA ASN A 446 -19.83 -0.36 -27.74
C ASN A 446 -19.08 0.94 -28.01
N VAL A 447 -18.17 0.89 -28.99
CA VAL A 447 -17.24 1.97 -29.33
C VAL A 447 -17.95 3.02 -30.19
N MET A 448 -17.34 4.20 -30.28
CA MET A 448 -18.06 5.33 -30.86
C MET A 448 -18.38 5.14 -32.35
N PHE A 449 -17.41 4.71 -33.17
CA PHE A 449 -17.59 4.70 -34.62
C PHE A 449 -18.48 3.55 -35.11
N CYS A 450 -18.76 2.55 -34.26
CA CYS A 450 -19.80 1.56 -34.55
C CYS A 450 -21.15 2.13 -34.10
N ASP A 451 -21.62 3.09 -34.89
CA ASP A 451 -22.81 3.89 -34.59
C ASP A 451 -24.09 3.04 -34.62
N ALA A 452 -25.24 3.68 -34.44
CA ALA A 452 -26.49 2.94 -34.47
C ALA A 452 -26.67 2.24 -35.82
N HIS A 453 -26.34 2.93 -36.91
CA HIS A 453 -26.54 2.32 -38.22
C HIS A 453 -25.56 1.17 -38.47
N THR A 454 -24.28 1.31 -38.10
CA THR A 454 -23.29 0.32 -38.53
C THR A 454 -23.06 -0.84 -37.55
N ASP A 455 -23.50 -0.74 -36.28
CA ASP A 455 -23.15 -1.77 -35.31
C ASP A 455 -23.87 -3.07 -35.65
N THR A 456 -23.23 -4.19 -35.33
CA THR A 456 -23.59 -5.52 -35.82
C THR A 456 -24.07 -6.51 -34.77
N ILE A 457 -23.74 -6.33 -33.49
CA ILE A 457 -23.94 -7.36 -32.47
C ILE A 457 -24.70 -6.88 -31.25
N SER A 458 -25.14 -5.62 -31.20
CA SER A 458 -25.68 -5.14 -29.92
C SER A 458 -27.02 -5.79 -29.60
N ASP A 459 -27.69 -6.37 -30.60
CA ASP A 459 -28.98 -6.98 -30.35
C ASP A 459 -28.85 -8.37 -29.75
N LEU A 460 -27.62 -8.88 -29.66
CA LEU A 460 -27.34 -10.13 -28.97
C LEU A 460 -27.16 -9.95 -27.47
N PHE A 461 -27.34 -8.73 -26.94
CA PHE A 461 -27.12 -8.45 -25.53
C PHE A 461 -28.35 -7.77 -24.95
N ASP A 462 -28.49 -7.83 -23.61
CA ASP A 462 -29.70 -7.30 -22.96
C ASP A 462 -29.65 -5.80 -22.77
N VAL A 463 -28.48 -5.26 -22.43
CA VAL A 463 -28.34 -3.85 -22.10
C VAL A 463 -27.32 -3.24 -23.06
N LEU A 464 -27.58 -2.02 -23.46
CA LEU A 464 -26.68 -1.38 -24.38
C LEU A 464 -25.84 -0.39 -23.59
N CYS A 465 -24.52 -0.56 -23.65
CA CYS A 465 -23.57 0.28 -22.94
C CYS A 465 -22.77 1.01 -24.00
N LEU A 466 -22.88 2.33 -24.00
CA LEU A 466 -22.23 3.16 -25.00
C LEU A 466 -21.03 3.86 -24.39
N ASN A 467 -19.95 3.93 -25.14
CA ASN A 467 -18.83 4.83 -24.82
C ASN A 467 -18.85 5.95 -25.85
N ARG A 468 -19.22 7.16 -25.44
CA ARG A 468 -19.41 8.27 -26.39
C ARG A 468 -18.57 9.49 -26.03
N TYR A 469 -17.90 10.03 -27.04
CA TYR A 469 -16.94 11.12 -26.87
C TYR A 469 -17.16 12.21 -27.89
N TYR A 470 -18.41 12.55 -28.19
CA TYR A 470 -18.65 13.68 -29.07
C TYR A 470 -18.27 14.97 -28.37
N GLY A 471 -17.68 15.90 -29.13
CA GLY A 471 -17.11 17.09 -28.58
C GLY A 471 -15.68 16.93 -28.11
N TRP A 472 -15.18 15.69 -28.04
CA TRP A 472 -13.79 15.44 -27.69
C TRP A 472 -13.00 14.92 -28.89
N TYR A 473 -13.15 13.64 -29.21
CA TYR A 473 -12.42 13.07 -30.34
C TYR A 473 -13.00 13.50 -31.67
N VAL A 474 -14.25 13.91 -31.69
CA VAL A 474 -14.84 14.47 -32.89
C VAL A 474 -15.73 15.63 -32.46
N GLN A 475 -15.96 16.57 -33.38
CA GLN A 475 -16.55 17.89 -33.08
C GLN A 475 -15.79 18.57 -31.94
N SER A 476 -14.47 18.41 -31.94
CA SER A 476 -13.63 18.84 -30.82
C SER A 476 -13.82 20.30 -30.47
N GLY A 477 -14.13 20.55 -29.20
CA GLY A 477 -14.39 21.88 -28.69
C GLY A 477 -15.79 22.36 -28.93
N ASP A 478 -16.57 21.69 -29.76
CA ASP A 478 -17.87 22.19 -30.20
C ASP A 478 -19.00 21.61 -29.39
N LEU A 479 -19.41 22.36 -28.37
CA LEU A 479 -20.46 21.82 -27.50
C LEU A 479 -21.82 21.87 -28.18
N GLU A 480 -22.08 22.87 -29.01
CA GLU A 480 -23.36 22.92 -29.70
C GLU A 480 -23.53 21.70 -30.64
N THR A 481 -22.57 21.52 -31.55
CA THR A 481 -22.67 20.46 -32.55
C THR A 481 -22.68 19.08 -31.88
N ALA A 482 -21.77 18.88 -30.93
CA ALA A 482 -21.69 17.61 -30.22
C ALA A 482 -22.99 17.30 -29.49
N GLU A 483 -23.58 18.27 -28.79
CA GLU A 483 -24.90 18.05 -28.20
C GLU A 483 -25.90 17.52 -29.22
N LYS A 484 -25.99 18.18 -30.38
CA LYS A 484 -26.93 17.66 -31.36
C LYS A 484 -26.61 16.21 -31.76
N VAL A 485 -25.34 15.92 -32.04
CA VAL A 485 -24.95 14.58 -32.48
C VAL A 485 -25.30 13.54 -31.41
N LEU A 486 -25.00 13.86 -30.15
CA LEU A 486 -25.23 12.93 -29.05
C LEU A 486 -26.72 12.64 -28.90
N GLU A 487 -27.55 13.69 -28.96
CA GLU A 487 -28.98 13.42 -28.88
C GLU A 487 -29.41 12.54 -30.04
N LYS A 488 -28.88 12.81 -31.23
CA LYS A 488 -29.42 12.13 -32.39
C LYS A 488 -29.08 10.65 -32.32
N GLU A 489 -27.84 10.32 -31.92
CA GLU A 489 -27.43 8.92 -31.85
C GLU A 489 -28.05 8.17 -30.68
N LEU A 490 -28.35 8.85 -29.58
CA LEU A 490 -29.03 8.18 -28.48
C LEU A 490 -30.47 7.86 -28.87
N LEU A 491 -31.17 8.81 -29.50
CA LEU A 491 -32.52 8.48 -29.95
C LEU A 491 -32.48 7.38 -31.00
N ALA A 492 -31.44 7.37 -31.84
CA ALA A 492 -31.33 6.34 -32.86
C ALA A 492 -31.17 4.97 -32.22
N TRP A 493 -30.35 4.88 -31.17
CA TRP A 493 -30.15 3.62 -30.48
C TRP A 493 -31.42 3.16 -29.79
N GLN A 494 -32.13 4.08 -29.13
CA GLN A 494 -33.38 3.71 -28.47
C GLN A 494 -34.42 3.22 -29.50
N GLU A 495 -34.52 3.93 -30.63
CA GLU A 495 -35.39 3.50 -31.74
C GLU A 495 -35.01 2.12 -32.24
N LYS A 496 -33.72 1.82 -32.29
CA LYS A 496 -33.30 0.59 -32.95
C LYS A 496 -33.42 -0.62 -32.04
N LEU A 497 -33.26 -0.47 -30.74
CA LEU A 497 -33.21 -1.64 -29.88
C LEU A 497 -34.12 -1.64 -28.66
N HIS A 498 -34.68 -0.48 -28.27
CA HIS A 498 -35.62 -0.37 -27.13
C HIS A 498 -35.11 -1.09 -25.88
N GLN A 499 -33.80 -1.11 -25.71
CA GLN A 499 -33.08 -1.63 -24.56
C GLN A 499 -32.73 -0.48 -23.63
N PRO A 500 -32.42 -0.77 -22.37
CA PRO A 500 -31.91 0.29 -21.51
C PRO A 500 -30.52 0.64 -22.00
N ILE A 501 -30.19 1.94 -21.95
CA ILE A 501 -28.90 2.42 -22.39
C ILE A 501 -28.19 2.93 -21.17
N ILE A 502 -26.96 2.45 -20.96
CA ILE A 502 -26.05 3.05 -19.99
C ILE A 502 -24.92 3.68 -20.79
N ILE A 503 -24.58 4.92 -20.46
CA ILE A 503 -23.37 5.51 -21.03
C ILE A 503 -22.29 5.10 -20.05
N THR A 504 -21.60 4.00 -20.38
CA THR A 504 -20.52 3.47 -19.57
C THR A 504 -19.22 4.28 -19.69
N GLU A 505 -19.08 5.13 -20.72
CA GLU A 505 -17.90 5.99 -20.83
C GLU A 505 -18.30 7.34 -21.41
N TYR A 506 -18.04 8.41 -20.68
CA TYR A 506 -18.05 9.75 -21.26
C TYR A 506 -17.12 10.62 -20.44
N GLY A 507 -16.15 11.26 -21.07
CA GLY A 507 -15.15 12.01 -20.31
C GLY A 507 -14.22 12.72 -21.25
N VAL A 508 -13.47 13.68 -20.68
CA VAL A 508 -12.57 14.54 -21.44
C VAL A 508 -11.24 14.70 -20.70
N ASP A 509 -10.13 14.69 -21.44
CA ASP A 509 -8.83 14.89 -20.81
C ASP A 509 -8.75 16.28 -20.23
N THR A 510 -8.26 16.38 -19.00
CA THR A 510 -8.29 17.63 -18.23
C THR A 510 -7.02 17.71 -17.40
N LEU A 511 -6.19 18.72 -17.65
CA LEU A 511 -5.03 18.96 -16.79
C LEU A 511 -5.49 19.64 -15.52
N ALA A 512 -5.25 19.03 -14.37
CA ALA A 512 -5.52 19.75 -13.13
C ALA A 512 -4.80 21.09 -13.16
N GLY A 513 -5.53 22.17 -12.90
CA GLY A 513 -4.94 23.48 -12.79
C GLY A 513 -4.82 24.27 -14.06
N LEU A 514 -5.16 23.70 -15.18
CA LEU A 514 -5.23 24.46 -16.40
C LEU A 514 -6.63 25.07 -16.42
N HIS A 515 -6.71 26.39 -16.49
CA HIS A 515 -8.00 27.07 -16.52
C HIS A 515 -8.18 27.94 -17.74
N SER A 516 -9.43 28.10 -18.13
CA SER A 516 -9.69 28.82 -19.37
C SER A 516 -10.96 29.62 -19.21
N MET A 517 -10.86 30.88 -19.62
CA MET A 517 -12.00 31.78 -19.70
C MET A 517 -12.80 31.49 -20.96
N TYR A 518 -12.20 30.80 -21.90
CA TYR A 518 -12.99 30.21 -22.95
C TYR A 518 -13.39 28.87 -22.39
N THR A 519 -14.03 28.03 -23.16
CA THR A 519 -14.25 26.71 -22.59
C THR A 519 -13.55 25.76 -23.52
N ASP A 520 -12.23 25.85 -23.52
CA ASP A 520 -11.53 25.08 -24.53
C ASP A 520 -11.02 23.80 -23.90
N MET A 521 -10.70 22.86 -24.76
CA MET A 521 -10.29 21.55 -24.33
C MET A 521 -9.12 21.56 -23.35
N TRP A 522 -8.98 20.46 -22.60
CA TRP A 522 -7.97 20.23 -21.56
C TRP A 522 -8.14 21.12 -20.34
N SER A 523 -9.12 21.99 -20.33
CA SER A 523 -9.32 22.86 -19.19
C SER A 523 -10.38 22.30 -18.23
N GLU A 524 -10.23 22.69 -16.97
CA GLU A 524 -11.21 22.28 -15.97
C GLU A 524 -12.60 22.83 -16.31
N GLU A 525 -12.64 24.05 -16.85
CA GLU A 525 -13.92 24.62 -17.27
C GLU A 525 -14.56 23.76 -18.36
N TYR A 526 -13.74 23.25 -19.31
CA TYR A 526 -14.30 22.41 -20.35
C TYR A 526 -14.77 21.07 -19.80
N GLN A 527 -14.05 20.49 -18.86
CA GLN A 527 -14.54 19.22 -18.33
C GLN A 527 -15.93 19.41 -17.73
N CYS A 528 -16.11 20.52 -16.98
CA CYS A 528 -17.41 20.82 -16.39
C CYS A 528 -18.49 21.04 -17.43
N ALA A 529 -18.23 21.89 -18.43
CA ALA A 529 -19.30 22.21 -19.38
C ALA A 529 -19.67 20.99 -20.24
N TRP A 530 -18.68 20.15 -20.58
CA TRP A 530 -18.93 18.96 -21.39
C TRP A 530 -19.74 17.91 -20.64
N LEU A 531 -19.36 17.62 -19.39
CA LEU A 531 -20.14 16.68 -18.60
C LEU A 531 -21.56 17.18 -18.43
N ASP A 532 -21.68 18.48 -18.23
CA ASP A 532 -22.98 19.10 -18.06
C ASP A 532 -23.84 19.00 -19.33
N MET A 533 -23.22 19.15 -20.49
CA MET A 533 -24.03 19.03 -21.69
C MET A 533 -24.51 17.58 -21.87
N TYR A 534 -23.61 16.60 -21.63
CA TYR A 534 -24.05 15.20 -21.66
C TYR A 534 -25.22 14.97 -20.71
N HIS A 535 -25.12 15.51 -19.49
CA HIS A 535 -26.17 15.24 -18.50
C HIS A 535 -27.51 15.81 -18.97
N ARG A 536 -27.50 17.00 -19.58
CA ARG A 536 -28.74 17.55 -20.13
C ARG A 536 -29.33 16.67 -21.22
N VAL A 537 -28.48 16.02 -22.02
CA VAL A 537 -29.03 15.13 -23.05
C VAL A 537 -29.59 13.86 -22.42
N PHE A 538 -28.81 13.21 -21.54
CA PHE A 538 -29.28 11.96 -20.92
C PHE A 538 -30.64 12.17 -20.33
N ASP A 539 -30.83 13.31 -19.69
CA ASP A 539 -32.08 13.55 -19.04
C ASP A 539 -33.24 13.69 -20.02
N ARG A 540 -32.98 13.81 -21.33
CA ARG A 540 -34.06 13.92 -22.32
C ARG A 540 -34.30 12.65 -23.12
N VAL A 541 -33.70 11.52 -22.75
CA VAL A 541 -33.90 10.28 -23.46
C VAL A 541 -34.37 9.27 -22.45
N SER A 542 -35.63 8.83 -22.59
CA SER A 542 -36.20 7.89 -21.62
C SER A 542 -35.39 6.62 -21.46
N ALA A 543 -34.72 6.15 -22.51
CA ALA A 543 -34.08 4.84 -22.43
C ALA A 543 -32.79 4.88 -21.61
N VAL A 544 -32.18 6.04 -21.40
CA VAL A 544 -30.91 6.08 -20.69
C VAL A 544 -31.21 5.91 -19.20
N VAL A 545 -30.65 4.86 -18.60
CA VAL A 545 -30.87 4.49 -17.21
C VAL A 545 -29.59 4.55 -16.41
N GLY A 546 -28.51 5.02 -17.00
CA GLY A 546 -27.25 4.97 -16.30
C GLY A 546 -26.18 5.82 -16.93
N GLU A 547 -25.42 6.52 -16.12
CA GLU A 547 -24.29 7.32 -16.59
C GLU A 547 -23.00 6.94 -15.84
N GLN A 548 -21.93 6.60 -16.54
CA GLN A 548 -20.67 6.37 -15.83
C GLN A 548 -19.58 7.19 -16.47
N VAL A 549 -19.17 8.26 -15.78
CA VAL A 549 -18.13 9.16 -16.28
C VAL A 549 -16.92 8.32 -16.53
N TRP A 550 -16.20 8.61 -17.63
CA TRP A 550 -15.20 7.63 -17.99
C TRP A 550 -14.26 7.52 -16.81
N ASN A 551 -13.35 8.45 -16.47
CA ASN A 551 -12.56 7.87 -15.37
C ASN A 551 -12.57 8.59 -14.05
N PHE A 552 -12.64 7.74 -13.04
CA PHE A 552 -12.58 8.19 -11.67
C PHE A 552 -11.23 8.86 -11.39
N ALA A 553 -10.13 8.32 -11.89
CA ALA A 553 -8.85 8.95 -11.62
C ALA A 553 -7.96 8.85 -12.85
N ASP A 554 -6.98 9.75 -12.92
CA ASP A 554 -6.00 9.69 -14.00
C ASP A 554 -5.18 8.41 -13.85
N PHE A 555 -4.87 7.77 -14.96
CA PHE A 555 -4.15 6.50 -14.91
C PHE A 555 -3.08 6.46 -15.98
N ALA A 556 -2.16 5.54 -15.78
CA ALA A 556 -1.00 5.39 -16.63
C ALA A 556 -1.37 4.68 -17.93
N THR A 557 -0.77 5.13 -19.03
CA THR A 557 -0.93 4.48 -20.31
C THR A 557 0.44 4.29 -20.96
N SER A 558 0.48 3.58 -22.08
CA SER A 558 1.74 3.57 -22.78
C SER A 558 1.97 4.96 -23.41
N GLN A 559 3.23 5.23 -23.71
CA GLN A 559 3.64 6.53 -24.20
C GLN A 559 3.07 6.80 -25.59
N GLY A 560 2.68 8.03 -25.84
CA GLY A 560 2.27 8.43 -27.17
C GLY A 560 1.92 9.90 -27.18
N ILE A 561 1.65 10.40 -28.39
CA ILE A 561 1.30 11.81 -28.53
C ILE A 561 -0.10 12.14 -28.05
N LEU A 562 -0.95 11.15 -27.80
CA LEU A 562 -2.29 11.42 -27.30
C LEU A 562 -2.36 11.51 -25.79
N ARG A 563 -1.31 11.08 -25.07
CA ARG A 563 -1.41 10.91 -23.63
C ARG A 563 -0.35 11.74 -22.92
N VAL A 564 -0.78 12.83 -22.29
CA VAL A 564 0.12 13.72 -21.57
C VAL A 564 0.36 13.10 -20.20
N GLY A 565 1.40 12.28 -20.10
CA GLY A 565 1.67 11.55 -18.87
C GLY A 565 0.56 10.63 -18.46
N GLY A 566 -0.08 10.00 -19.43
CA GLY A 566 -1.15 9.05 -19.18
C GLY A 566 -2.47 9.62 -19.64
N ASN A 567 -3.53 8.94 -19.26
CA ASN A 567 -4.87 9.41 -19.52
C ASN A 567 -5.31 10.35 -18.41
N LYS A 568 -5.72 11.56 -18.78
CA LYS A 568 -6.11 12.62 -17.85
C LYS A 568 -7.62 12.83 -17.82
N LYS A 569 -8.38 11.84 -18.23
CA LYS A 569 -9.83 11.97 -18.18
C LYS A 569 -10.39 11.81 -16.78
N GLY A 570 -9.54 11.62 -15.78
CA GLY A 570 -10.03 11.41 -14.45
C GLY A 570 -10.78 12.62 -13.90
N ILE A 571 -11.71 12.33 -13.01
CA ILE A 571 -12.31 13.33 -12.15
C ILE A 571 -11.35 13.66 -11.02
N PHE A 572 -10.64 12.66 -10.51
CA PHE A 572 -9.58 12.88 -9.53
C PHE A 572 -8.23 12.73 -10.21
N THR A 573 -7.19 13.32 -9.60
CA THR A 573 -5.84 13.08 -10.10
C THR A 573 -5.37 11.69 -9.70
N ARG A 574 -4.18 11.30 -10.15
CA ARG A 574 -3.73 9.95 -9.80
C ARG A 574 -3.49 9.83 -8.29
N ASP A 575 -3.13 10.94 -7.64
CA ASP A 575 -3.03 11.00 -6.17
C ASP A 575 -4.34 11.36 -5.50
N ARG A 576 -5.45 11.16 -6.21
CA ARG A 576 -6.80 11.34 -5.69
C ARG A 576 -7.12 12.78 -5.27
N LYS A 577 -6.60 13.78 -5.99
CA LYS A 577 -7.15 15.09 -5.65
C LYS A 577 -8.15 15.54 -6.70
N PRO A 578 -9.20 16.23 -6.29
CA PRO A 578 -10.32 16.46 -7.21
C PRO A 578 -10.07 17.62 -8.17
N LYS A 579 -10.41 17.42 -9.42
CA LYS A 579 -10.56 18.52 -10.33
C LYS A 579 -11.88 19.21 -10.01
N SER A 580 -12.13 20.38 -10.61
CA SER A 580 -13.38 21.10 -10.34
C SER A 580 -14.62 20.26 -10.66
N ALA A 581 -14.56 19.45 -11.74
CA ALA A 581 -15.74 18.69 -12.12
C ALA A 581 -16.23 17.77 -11.02
N ALA A 582 -15.37 17.42 -10.05
CA ALA A 582 -15.79 16.56 -8.96
C ALA A 582 -16.99 17.18 -8.24
N PHE A 583 -16.93 18.49 -7.98
CA PHE A 583 -18.03 19.15 -7.29
C PHE A 583 -19.26 19.20 -8.19
N LEU A 584 -19.04 19.39 -9.50
CA LEU A 584 -20.15 19.27 -10.42
C LEU A 584 -20.83 17.94 -10.20
N LEU A 585 -20.06 16.87 -10.20
CA LEU A 585 -20.68 15.56 -10.07
C LEU A 585 -21.37 15.45 -8.73
N GLN A 586 -20.72 15.93 -7.68
CA GLN A 586 -21.29 15.77 -6.38
C GLN A 586 -22.64 16.48 -6.31
N LYS A 587 -22.77 17.62 -7.02
CA LYS A 587 -24.06 18.32 -6.97
C LYS A 587 -25.16 17.50 -7.61
N ARG A 588 -24.90 16.96 -8.81
CA ARG A 588 -25.94 16.20 -9.49
C ARG A 588 -26.23 14.92 -8.74
N TRP A 589 -25.19 14.19 -8.37
CA TRP A 589 -25.46 12.85 -7.88
C TRP A 589 -25.98 12.82 -6.45
N THR A 590 -25.63 13.80 -5.64
CA THR A 590 -26.26 13.85 -4.33
C THR A 590 -27.57 14.61 -4.34
N GLY A 591 -27.86 15.42 -5.36
CA GLY A 591 -29.11 16.14 -5.42
C GLY A 591 -30.27 15.37 -6.01
N MET A 592 -30.02 14.15 -6.47
CA MET A 592 -31.05 13.33 -7.07
C MET A 592 -31.59 12.33 -6.08
N ASN A 593 -32.83 11.90 -6.28
CA ASN A 593 -33.36 10.87 -5.40
C ASN A 593 -32.64 9.57 -5.70
N PHE A 594 -32.26 8.83 -4.65
CA PHE A 594 -31.30 7.74 -4.81
C PHE A 594 -31.78 6.74 -5.86
N GLY A 595 -30.86 6.33 -6.74
CA GLY A 595 -31.16 5.33 -7.75
C GLY A 595 -32.23 5.73 -8.75
N GLU A 596 -32.58 6.99 -8.84
CA GLU A 596 -33.73 7.40 -9.63
C GLU A 596 -33.36 8.47 -10.66
N LYS A 597 -33.90 8.35 -11.87
CA LYS A 597 -33.38 9.15 -12.96
C LYS A 597 -33.79 10.63 -12.82
N PRO A 598 -32.85 11.56 -13.04
CA PRO A 598 -33.10 12.99 -12.80
C PRO A 598 -34.23 13.56 -13.63
N GLN A 599 -35.31 13.98 -12.93
CA GLN A 599 -36.64 14.25 -13.51
C GLN A 599 -36.64 15.27 -14.65
N GLN A 600 -35.51 15.92 -14.95
CA GLN A 600 -35.50 16.94 -16.01
C GLN A 600 -35.53 16.34 -17.44
N HIS B 1 13.26 -5.28 26.92
CA HIS B 1 13.81 -6.32 26.05
C HIS B 1 12.92 -6.63 24.83
N MET B 2 13.44 -6.45 23.61
CA MET B 2 12.65 -6.56 22.39
C MET B 2 13.42 -7.17 21.22
N LEU B 3 12.75 -8.04 20.46
CA LEU B 3 13.23 -8.29 19.10
C LEU B 3 12.10 -8.69 18.17
N ARG B 4 12.33 -8.46 16.85
CA ARG B 4 11.37 -8.77 15.78
C ARG B 4 11.09 -10.29 15.72
N PRO B 5 9.81 -10.66 15.66
CA PRO B 5 9.44 -12.09 15.47
C PRO B 5 9.95 -12.67 14.16
N VAL B 6 10.37 -13.93 14.18
CA VAL B 6 10.70 -14.71 12.98
C VAL B 6 10.18 -16.13 13.25
N GLU B 7 10.47 -17.12 12.37
CA GLU B 7 9.59 -18.28 12.21
C GLU B 7 10.12 -19.70 12.44
N THR B 8 11.38 -19.95 12.87
CA THR B 8 11.71 -21.39 12.84
C THR B 8 11.05 -22.24 13.95
N PRO B 9 10.95 -21.75 15.23
CA PRO B 9 10.20 -22.52 16.25
C PRO B 9 8.97 -21.76 16.75
N THR B 10 8.93 -20.49 16.34
CA THR B 10 7.92 -19.50 16.62
C THR B 10 7.21 -19.23 15.30
N ARG B 11 5.95 -18.79 15.35
CA ARG B 11 5.25 -18.53 14.09
C ARG B 11 4.26 -17.39 14.24
N GLU B 12 4.18 -16.57 13.18
CA GLU B 12 3.30 -15.40 13.11
C GLU B 12 2.08 -15.66 12.25
N ILE B 13 0.95 -15.11 12.67
CA ILE B 13 -0.08 -14.70 11.74
C ILE B 13 -0.27 -13.20 11.99
N LYS B 14 0.03 -12.39 10.98
CA LYS B 14 -0.14 -10.96 11.10
C LYS B 14 -1.61 -10.67 10.91
N LYS B 15 -2.14 -9.80 11.74
CA LYS B 15 -3.48 -9.30 11.53
C LYS B 15 -3.45 -8.05 10.69
N LEU B 16 -2.30 -7.77 10.06
CA LEU B 16 -2.16 -6.66 9.14
C LEU B 16 -3.15 -6.71 8.01
N ASP B 17 -3.69 -7.89 7.63
CA ASP B 17 -4.91 -7.86 6.82
C ASP B 17 -5.81 -6.74 7.32
N GLY B 18 -5.95 -5.75 6.45
CA GLY B 18 -6.04 -4.41 6.94
C GLY B 18 -7.38 -4.11 7.55
N LEU B 19 -8.44 -4.66 6.98
CA LEU B 19 -9.73 -4.08 7.27
C LEU B 19 -10.14 -4.41 8.70
N TRP B 20 -10.14 -3.39 9.55
CA TRP B 20 -10.64 -3.44 10.91
C TRP B 20 -11.87 -2.55 10.98
N ALA B 21 -12.71 -2.81 11.97
CA ALA B 21 -13.76 -1.86 12.29
C ALA B 21 -13.12 -0.69 13.02
N PHE B 22 -13.58 0.51 12.69
CA PHE B 22 -12.97 1.72 13.19
C PHE B 22 -14.08 2.69 13.54
N SER B 23 -13.83 3.49 14.58
CA SER B 23 -14.82 4.49 14.97
C SER B 23 -14.12 5.62 15.73
N LEU B 24 -14.74 6.81 15.68
CA LEU B 24 -14.30 7.91 16.51
C LEU B 24 -14.97 7.76 17.89
N ASP B 25 -14.67 8.68 18.82
CA ASP B 25 -15.41 8.76 20.07
C ASP B 25 -15.52 10.23 20.47
N ARG B 26 -16.48 10.92 19.87
CA ARG B 26 -16.47 12.38 19.89
C ARG B 26 -17.02 12.92 21.21
N GLU B 27 -17.87 12.14 21.91
CA GLU B 27 -18.33 12.53 23.24
C GLU B 27 -17.57 11.81 24.34
N ASN B 28 -16.56 11.03 23.97
CA ASN B 28 -15.64 10.40 24.90
C ASN B 28 -16.38 9.61 26.00
N CYS B 29 -17.31 8.77 25.56
CA CYS B 29 -17.96 7.79 26.43
C CYS B 29 -17.51 6.36 26.15
N GLY B 30 -16.56 6.16 25.24
CA GLY B 30 -16.18 4.80 24.88
C GLY B 30 -15.58 4.02 26.04
N ILE B 31 -14.69 4.65 26.81
CA ILE B 31 -14.11 3.96 27.97
C ILE B 31 -15.18 3.74 29.02
N ASP B 32 -16.03 4.74 29.25
CA ASP B 32 -17.10 4.61 30.22
C ASP B 32 -18.08 3.48 29.84
N GLN B 33 -18.50 3.39 28.57
CA GLN B 33 -19.49 2.38 28.23
C GLN B 33 -18.85 1.03 27.94
N ARG B 34 -17.54 0.89 28.10
CA ARG B 34 -16.83 -0.33 27.73
C ARG B 34 -17.30 -0.83 26.36
N TRP B 35 -16.90 -0.05 25.34
CA TRP B 35 -17.18 -0.42 23.96
C TRP B 35 -16.47 -1.72 23.58
N TRP B 36 -15.38 -2.05 24.28
CA TRP B 36 -14.71 -3.31 24.04
C TRP B 36 -15.59 -4.53 24.36
N GLU B 37 -16.68 -4.33 25.11
CA GLU B 37 -17.69 -5.38 25.38
C GLU B 37 -18.24 -5.96 24.10
N SER B 38 -18.95 -5.13 23.35
CA SER B 38 -19.58 -5.53 22.12
C SER B 38 -18.69 -5.15 20.94
N ALA B 39 -19.06 -5.61 19.75
CA ALA B 39 -18.40 -5.11 18.57
C ALA B 39 -18.77 -3.66 18.40
N LEU B 40 -17.82 -2.84 17.97
CA LEU B 40 -18.16 -1.44 17.84
C LEU B 40 -19.25 -1.37 16.81
N GLN B 41 -20.27 -0.58 17.08
CA GLN B 41 -21.26 -0.23 16.08
C GLN B 41 -21.06 1.23 15.73
N GLU B 42 -21.74 1.66 14.69
CA GLU B 42 -21.50 2.95 14.10
C GLU B 42 -20.06 2.98 13.60
N SER B 43 -19.62 1.82 13.10
CA SER B 43 -18.26 1.50 12.70
C SER B 43 -18.09 1.52 11.18
N ARG B 44 -16.91 1.94 10.72
CA ARG B 44 -16.56 1.93 9.31
C ARG B 44 -15.20 1.24 9.13
N ALA B 45 -15.04 0.61 7.97
CA ALA B 45 -13.81 -0.11 7.68
C ALA B 45 -12.62 0.84 7.62
N ILE B 46 -11.48 0.38 8.13
CA ILE B 46 -10.23 1.12 8.04
C ILE B 46 -9.14 0.13 7.71
N ALA B 47 -8.07 0.62 7.11
CA ALA B 47 -6.97 -0.24 6.70
C ALA B 47 -5.88 -0.12 7.74
N VAL B 48 -5.36 -1.31 8.19
CA VAL B 48 -4.23 -1.39 9.08
C VAL B 48 -3.16 -2.15 8.43
N PRO B 49 -1.88 -1.70 8.44
CA PRO B 49 -1.43 -0.42 8.99
C PRO B 49 -1.77 0.78 8.09
N GLY B 50 -1.72 1.97 8.67
CA GLY B 50 -1.92 3.22 7.97
C GLY B 50 -2.45 4.24 8.96
N SER B 51 -2.09 5.50 8.75
CA SER B 51 -2.67 6.54 9.59
C SER B 51 -4.17 6.57 9.35
N PHE B 52 -4.93 6.99 10.34
CA PHE B 52 -6.36 7.09 10.15
C PHE B 52 -6.80 8.43 9.57
N ASN B 53 -5.94 9.45 9.54
CA ASN B 53 -6.40 10.79 9.19
C ASN B 53 -6.82 10.90 7.72
N ASP B 54 -5.96 10.45 6.80
CA ASP B 54 -6.10 10.69 5.38
C ASP B 54 -6.87 9.61 4.65
N GLN B 55 -7.24 8.53 5.33
CA GLN B 55 -7.84 7.39 4.64
C GLN B 55 -9.24 7.72 4.15
N PHE B 56 -9.91 8.69 4.75
CA PHE B 56 -11.32 8.86 4.49
C PHE B 56 -11.68 10.14 3.80
N ALA B 57 -10.69 10.95 3.40
CA ALA B 57 -10.93 12.22 2.69
C ALA B 57 -11.89 13.12 3.47
N ASP B 58 -11.82 13.04 4.80
CA ASP B 58 -12.76 13.73 5.68
C ASP B 58 -11.96 14.67 6.58
N ALA B 59 -12.24 15.97 6.51
CA ALA B 59 -11.44 16.90 7.29
C ALA B 59 -11.72 16.79 8.79
N ASP B 60 -12.90 16.30 9.16
CA ASP B 60 -13.23 16.09 10.57
C ASP B 60 -12.49 14.88 11.16
N ILE B 61 -12.38 13.80 10.39
CA ILE B 61 -11.52 12.71 10.86
C ILE B 61 -10.07 13.15 10.86
N ARG B 62 -9.65 13.92 9.83
CA ARG B 62 -8.24 14.26 9.67
C ARG B 62 -7.72 15.04 10.87
N ASN B 63 -8.48 16.05 11.31
CA ASN B 63 -8.04 16.98 12.34
C ASN B 63 -8.50 16.60 13.76
N TYR B 64 -9.03 15.40 13.93
CA TYR B 64 -9.55 14.91 15.20
C TYR B 64 -8.48 14.85 16.28
N ALA B 65 -8.83 15.25 17.50
CA ALA B 65 -8.02 14.99 18.68
C ALA B 65 -8.86 14.29 19.74
N GLY B 66 -8.39 13.15 20.19
CA GLY B 66 -9.09 12.33 21.17
C GLY B 66 -8.67 10.87 21.03
N ASN B 67 -9.62 9.98 21.33
CA ASN B 67 -9.42 8.56 21.17
C ASN B 67 -10.22 8.06 19.99
N VAL B 68 -9.64 7.07 19.31
CA VAL B 68 -10.27 6.34 18.21
C VAL B 68 -10.19 4.86 18.54
N TRP B 69 -11.14 4.10 17.99
CA TRP B 69 -11.34 2.69 18.30
C TRP B 69 -11.08 1.83 17.07
N TYR B 70 -10.14 0.89 17.19
CA TYR B 70 -9.83 -0.12 16.17
C TYR B 70 -10.25 -1.49 16.68
N GLN B 71 -10.92 -2.29 15.87
CA GLN B 71 -11.37 -3.57 16.38
C GLN B 71 -11.40 -4.63 15.29
N ARG B 72 -10.91 -5.83 15.59
CA ARG B 72 -11.00 -6.92 14.63
C ARG B 72 -10.98 -8.25 15.36
N GLU B 73 -11.66 -9.23 14.76
CA GLU B 73 -11.63 -10.58 15.28
C GLU B 73 -10.48 -11.33 14.64
N VAL B 74 -10.04 -12.39 15.31
CA VAL B 74 -9.12 -13.31 14.66
C VAL B 74 -9.37 -14.72 15.19
N PHE B 75 -9.20 -15.70 14.32
CA PHE B 75 -9.32 -17.10 14.66
C PHE B 75 -7.92 -17.54 15.05
N ILE B 76 -7.73 -17.90 16.32
CA ILE B 76 -6.39 -18.29 16.76
C ILE B 76 -6.16 -19.72 16.28
N PRO B 77 -5.09 -20.00 15.52
CA PRO B 77 -4.95 -21.33 14.91
C PRO B 77 -4.84 -22.44 15.95
N LYS B 78 -5.43 -23.60 15.63
CA LYS B 78 -5.64 -24.60 16.67
C LYS B 78 -4.37 -25.42 16.94
N GLY B 79 -3.42 -25.43 16.02
CA GLY B 79 -2.13 -26.03 16.32
C GLY B 79 -1.33 -25.19 17.30
N TRP B 80 -2.03 -24.35 18.05
CA TRP B 80 -1.42 -23.45 19.02
C TRP B 80 -1.98 -23.67 20.43
N ALA B 81 -2.04 -24.91 20.89
CA ALA B 81 -2.61 -25.07 22.22
C ALA B 81 -1.56 -25.01 23.31
N GLY B 82 -0.35 -25.51 23.03
CA GLY B 82 0.68 -25.60 24.03
C GLY B 82 1.81 -24.59 23.99
N GLN B 83 1.87 -23.72 22.98
CA GLN B 83 2.97 -22.76 22.98
C GLN B 83 2.51 -21.45 23.61
N ARG B 84 3.49 -20.58 23.89
CA ARG B 84 3.20 -19.26 24.42
C ARG B 84 2.98 -18.33 23.23
N ILE B 85 1.88 -17.60 23.26
CA ILE B 85 1.47 -16.80 22.11
C ILE B 85 1.39 -15.35 22.54
N VAL B 86 1.92 -14.46 21.71
CA VAL B 86 2.08 -13.06 22.05
C VAL B 86 1.32 -12.21 21.04
N LEU B 87 0.78 -11.10 21.52
CA LEU B 87 0.12 -10.11 20.71
C LEU B 87 1.05 -8.91 20.60
N ARG B 88 1.52 -8.64 19.40
CA ARG B 88 2.58 -7.67 19.14
C ARG B 88 2.07 -6.53 18.27
N PHE B 89 2.18 -5.30 18.77
CA PHE B 89 1.93 -4.10 18.00
C PHE B 89 3.26 -3.45 17.72
N ASP B 90 3.66 -3.42 16.45
CA ASP B 90 4.94 -2.83 16.07
C ASP B 90 4.95 -1.30 16.29
N ALA B 91 3.80 -0.63 16.17
CA ALA B 91 3.70 0.75 16.63
C ALA B 91 2.24 1.21 16.64
N VAL B 92 1.85 1.93 17.69
CA VAL B 92 0.57 2.61 17.76
C VAL B 92 0.89 4.07 18.06
N THR B 93 0.67 4.95 17.09
CA THR B 93 1.21 6.30 17.21
C THR B 93 0.51 7.10 18.30
N HIS B 94 1.33 7.47 19.28
CA HIS B 94 1.09 8.05 20.58
C HIS B 94 0.61 7.00 21.59
N TYR B 95 -0.68 6.72 21.72
CA TYR B 95 -1.07 5.89 22.85
C TYR B 95 -2.01 4.77 22.44
N GLY B 96 -1.86 3.61 23.08
CA GLY B 96 -2.68 2.46 22.74
C GLY B 96 -3.00 1.58 23.92
N LYS B 97 -4.24 1.10 23.98
CA LYS B 97 -4.68 0.17 25.01
C LYS B 97 -5.51 -0.93 24.35
N VAL B 98 -5.11 -2.16 24.61
CA VAL B 98 -5.61 -3.34 23.91
C VAL B 98 -6.49 -4.17 24.86
N TRP B 99 -7.62 -4.64 24.36
CA TRP B 99 -8.44 -5.64 25.03
C TRP B 99 -8.49 -6.88 24.16
N VAL B 100 -8.18 -8.05 24.75
CA VAL B 100 -8.34 -9.33 24.07
C VAL B 100 -9.52 -10.00 24.75
N ASN B 101 -10.73 -9.69 24.32
CA ASN B 101 -11.93 -10.19 24.96
C ASN B 101 -11.90 -9.81 26.46
N ASN B 102 -12.13 -8.51 26.69
CA ASN B 102 -12.25 -7.91 28.02
C ASN B 102 -10.95 -7.84 28.83
N GLN B 103 -10.09 -8.83 28.71
CA GLN B 103 -8.84 -8.74 29.43
C GLN B 103 -7.94 -7.71 28.78
N GLU B 104 -7.82 -6.56 29.42
CA GLU B 104 -6.94 -5.51 28.93
C GLU B 104 -5.47 -5.92 29.04
N VAL B 105 -5.03 -6.59 27.97
CA VAL B 105 -3.71 -7.19 27.84
C VAL B 105 -2.51 -6.22 27.76
N MET B 106 -2.66 -4.92 27.47
CA MET B 106 -1.48 -4.04 27.42
C MET B 106 -1.87 -2.57 27.52
N GLU B 107 -0.84 -1.71 27.46
CA GLU B 107 -0.83 -0.26 27.30
C GLU B 107 0.54 0.15 26.71
N HIS B 108 0.52 1.24 25.95
CA HIS B 108 1.77 1.83 25.49
C HIS B 108 1.59 3.30 25.21
N GLN B 109 2.61 4.07 25.59
CA GLN B 109 2.76 5.48 25.30
C GLN B 109 4.09 5.64 24.59
N GLY B 110 4.07 6.34 23.46
CA GLY B 110 5.24 6.39 22.61
C GLY B 110 4.87 5.76 21.30
N GLY B 111 4.64 6.60 20.31
CA GLY B 111 3.96 6.15 19.12
C GLY B 111 4.79 5.48 18.06
N TYR B 112 6.05 5.19 18.34
CA TYR B 112 6.97 4.73 17.31
C TYR B 112 7.69 3.43 17.67
N THR B 113 7.30 2.77 18.76
CA THR B 113 7.98 1.56 19.18
C THR B 113 6.96 0.44 19.45
N PRO B 114 7.39 -0.80 19.31
CA PRO B 114 6.46 -1.93 19.49
C PRO B 114 6.25 -2.28 20.95
N PHE B 115 5.14 -2.98 21.18
CA PHE B 115 4.75 -3.47 22.50
C PHE B 115 3.90 -4.74 22.32
N GLU B 116 4.26 -5.78 23.07
CA GLU B 116 3.72 -7.12 22.89
C GLU B 116 3.35 -7.67 24.26
N ALA B 117 2.33 -8.54 24.30
CA ALA B 117 1.99 -9.22 25.55
C ALA B 117 1.50 -10.64 25.29
N ASP B 118 1.96 -11.58 26.13
CA ASP B 118 1.45 -12.95 26.13
C ASP B 118 -0.03 -12.97 26.50
N VAL B 119 -0.82 -13.67 25.71
CA VAL B 119 -2.27 -13.66 25.87
C VAL B 119 -2.78 -15.09 25.99
N THR B 120 -1.87 -16.02 26.23
CA THR B 120 -2.23 -17.43 26.39
C THR B 120 -3.35 -17.67 27.40
N PRO B 121 -3.33 -17.11 28.63
CA PRO B 121 -4.41 -17.42 29.58
C PRO B 121 -5.79 -16.97 29.09
N TYR B 122 -5.86 -15.97 28.21
CA TYR B 122 -7.11 -15.33 27.81
C TYR B 122 -7.54 -15.72 26.41
N VAL B 123 -6.96 -16.79 25.84
CA VAL B 123 -7.24 -17.20 24.47
C VAL B 123 -7.57 -18.69 24.45
N ILE B 124 -8.60 -19.04 23.67
CA ILE B 124 -8.96 -20.44 23.39
C ILE B 124 -8.60 -20.72 21.92
N ALA B 125 -7.63 -21.61 21.70
CA ALA B 125 -7.25 -21.96 20.33
C ALA B 125 -8.44 -22.56 19.57
N GLY B 126 -8.49 -22.27 18.26
CA GLY B 126 -9.54 -22.79 17.41
C GLY B 126 -10.78 -21.92 17.26
N LYS B 127 -10.89 -20.82 18.01
CA LYS B 127 -12.00 -19.88 17.85
C LYS B 127 -11.46 -18.45 17.79
N SER B 128 -12.39 -17.51 17.63
CA SER B 128 -12.06 -16.13 17.31
C SER B 128 -12.16 -15.29 18.58
N VAL B 129 -11.14 -14.54 18.85
CA VAL B 129 -11.16 -13.58 19.93
C VAL B 129 -11.31 -12.19 19.31
N ARG B 130 -11.95 -11.30 20.07
CA ARG B 130 -12.26 -9.92 19.70
C ARG B 130 -11.17 -8.97 20.18
N ILE B 131 -10.50 -8.31 19.25
CA ILE B 131 -9.39 -7.43 19.58
C ILE B 131 -9.88 -5.99 19.49
N THR B 132 -9.77 -5.26 20.59
CA THR B 132 -10.14 -3.85 20.63
C THR B 132 -8.92 -3.05 21.01
N VAL B 133 -8.67 -1.97 20.28
CA VAL B 133 -7.57 -1.07 20.54
C VAL B 133 -8.16 0.32 20.67
N CYS B 134 -7.66 1.05 21.65
CA CYS B 134 -7.97 2.46 21.84
C CYS B 134 -6.67 3.22 21.68
N VAL B 135 -6.62 4.08 20.67
CA VAL B 135 -5.41 4.86 20.44
C VAL B 135 -5.75 6.33 20.60
N ASN B 136 -4.85 7.02 21.29
CA ASN B 136 -4.94 8.43 21.60
C ASN B 136 -3.81 9.12 20.83
N ASN B 137 -4.13 10.26 20.20
CA ASN B 137 -3.18 11.03 19.41
C ASN B 137 -2.81 12.36 20.06
N GLU B 138 -3.08 12.49 21.35
CA GLU B 138 -2.92 13.76 22.04
C GLU B 138 -1.50 13.91 22.57
N LEU B 139 -1.04 15.16 22.65
CA LEU B 139 0.29 15.49 23.14
C LEU B 139 0.20 16.53 24.25
N ASN B 140 0.96 16.31 25.32
CA ASN B 140 1.19 17.26 26.40
C ASN B 140 2.70 17.52 26.55
N TRP B 141 3.06 18.23 27.62
CA TRP B 141 4.47 18.53 27.82
C TRP B 141 5.24 17.30 28.31
N GLN B 142 4.55 16.21 28.66
CA GLN B 142 5.18 15.01 29.20
C GLN B 142 5.24 13.88 28.19
N THR B 143 5.06 14.19 26.90
CA THR B 143 5.00 13.22 25.82
C THR B 143 6.17 13.42 24.83
N ILE B 144 6.46 12.37 24.06
CA ILE B 144 7.42 12.40 22.97
C ILE B 144 6.68 12.26 21.64
N PRO B 145 6.67 13.29 20.78
CA PRO B 145 7.21 14.64 21.01
C PRO B 145 6.23 15.44 21.85
N PRO B 146 6.66 16.55 22.45
CA PRO B 146 5.78 17.34 23.30
C PRO B 146 4.78 18.15 22.48
N GLY B 147 3.70 18.54 23.14
CA GLY B 147 2.69 19.42 22.56
C GLY B 147 1.80 20.01 23.64
N MET B 148 0.82 20.82 23.19
CA MET B 148 -0.22 21.29 24.08
C MET B 148 -1.60 21.17 23.45
N VAL B 149 -2.54 20.65 24.21
CA VAL B 149 -3.94 20.61 23.83
C VAL B 149 -4.60 21.84 24.45
N ILE B 150 -5.30 22.63 23.63
CA ILE B 150 -6.16 23.72 24.13
C ILE B 150 -7.59 23.37 23.72
N THR B 151 -8.53 23.52 24.67
CA THR B 151 -9.95 23.28 24.41
C THR B 151 -10.63 24.63 24.19
N ASP B 152 -11.36 24.76 23.08
CA ASP B 152 -12.08 25.99 22.82
C ASP B 152 -13.32 25.98 23.70
N GLU B 153 -14.18 26.98 23.48
CA GLU B 153 -15.28 27.27 24.38
C GLU B 153 -16.33 26.16 24.44
N ASN B 154 -16.46 25.35 23.37
CA ASN B 154 -17.54 24.38 23.22
C ASN B 154 -17.10 22.93 23.43
N GLY B 155 -15.96 22.69 24.06
CA GLY B 155 -15.45 21.35 24.30
C GLY B 155 -14.75 20.71 23.11
N LYS B 156 -14.56 21.48 22.04
CA LYS B 156 -13.77 21.10 20.88
C LYS B 156 -12.25 21.21 21.15
N LYS B 157 -11.54 20.08 21.00
CA LYS B 157 -10.09 20.00 21.16
C LYS B 157 -9.27 20.50 19.95
N LYS B 158 -8.27 21.38 20.17
CA LYS B 158 -7.32 21.69 19.08
C LYS B 158 -5.96 21.24 19.62
N GLN B 159 -5.25 20.39 18.86
CA GLN B 159 -3.92 19.91 19.27
C GLN B 159 -2.84 20.76 18.61
N SER B 160 -2.04 21.44 19.43
CA SER B 160 -0.94 22.24 18.92
C SER B 160 0.37 21.57 19.31
N TYR B 161 1.36 21.72 18.45
CA TYR B 161 2.65 21.07 18.64
C TYR B 161 3.67 21.96 17.97
N PHE B 162 4.94 21.61 18.13
CA PHE B 162 6.04 22.47 17.69
C PHE B 162 6.96 21.82 16.66
N HIS B 163 6.57 20.71 16.06
CA HIS B 163 7.39 20.16 15.00
C HIS B 163 6.69 20.40 13.67
N ASP B 164 7.48 20.34 12.60
CA ASP B 164 6.93 20.68 11.29
C ASP B 164 5.91 19.63 10.84
N PHE B 165 6.33 18.38 10.70
CA PHE B 165 5.49 17.37 10.05
C PHE B 165 4.12 17.21 10.74
N PHE B 166 3.13 16.81 9.94
CA PHE B 166 1.76 16.69 10.42
C PHE B 166 1.63 15.57 11.44
N ASN B 167 0.74 15.77 12.41
CA ASN B 167 0.57 14.85 13.54
C ASN B 167 -0.33 13.67 13.15
N TYR B 168 0.16 12.86 12.23
CA TYR B 168 -0.56 11.65 11.83
C TYR B 168 -0.60 10.64 12.97
N ALA B 169 -1.74 9.93 13.11
CA ALA B 169 -1.90 8.93 14.16
C ALA B 169 -2.63 7.70 13.62
N GLY B 170 -2.70 6.63 14.43
CA GLY B 170 -3.33 5.35 14.12
C GLY B 170 -2.39 4.17 14.32
N ILE B 171 -2.75 3.01 13.78
CA ILE B 171 -1.86 1.84 13.83
C ILE B 171 -0.93 1.94 12.62
N HIS B 172 0.25 2.47 12.84
CA HIS B 172 1.08 2.79 11.70
C HIS B 172 1.83 1.59 11.14
N ARG B 173 2.01 0.52 11.90
CA ARG B 173 2.85 -0.59 11.46
C ARG B 173 2.21 -1.96 11.67
N SER B 174 3.07 -2.98 11.69
CA SER B 174 2.63 -4.38 11.76
C SER B 174 1.92 -4.68 13.07
N VAL B 175 0.85 -5.45 12.97
CA VAL B 175 0.24 -6.06 14.13
C VAL B 175 0.35 -7.56 13.89
N MET B 176 1.14 -8.24 14.70
CA MET B 176 1.33 -9.65 14.46
C MET B 176 1.18 -10.43 15.76
N LEU B 177 0.67 -11.65 15.60
CA LEU B 177 0.48 -12.60 16.69
C LEU B 177 1.53 -13.69 16.48
N TYR B 178 2.35 -13.96 17.49
CA TYR B 178 3.37 -14.97 17.25
C TYR B 178 3.61 -15.85 18.47
N THR B 179 3.82 -17.13 18.18
CA THR B 179 3.85 -18.20 19.17
C THR B 179 5.22 -18.83 19.23
N THR B 180 5.77 -18.87 20.43
CA THR B 180 7.08 -19.34 20.84
C THR B 180 6.96 -20.58 21.72
N PRO B 181 8.00 -21.41 21.77
CA PRO B 181 8.01 -22.53 22.73
C PRO B 181 8.12 -22.01 24.16
N ASN B 182 7.58 -22.80 25.10
CA ASN B 182 7.41 -22.33 26.49
C ASN B 182 8.72 -22.03 27.20
N THR B 183 9.85 -22.50 26.69
CA THR B 183 11.14 -21.94 27.05
C THR B 183 11.66 -21.23 25.82
N TRP B 184 11.81 -19.92 25.93
CA TRP B 184 11.96 -19.07 24.78
C TRP B 184 13.01 -18.01 25.06
N VAL B 185 13.76 -17.66 24.02
CA VAL B 185 14.64 -16.52 24.12
C VAL B 185 13.76 -15.28 24.24
N ASP B 186 14.21 -14.29 25.03
CA ASP B 186 13.50 -13.03 25.18
C ASP B 186 14.36 -11.85 24.74
N ASP B 187 15.69 -11.98 24.75
CA ASP B 187 16.51 -10.87 24.32
C ASP B 187 17.86 -11.38 23.85
N ILE B 188 18.51 -10.57 23.02
CA ILE B 188 19.81 -10.87 22.45
C ILE B 188 20.60 -9.57 22.44
N THR B 189 21.90 -9.67 22.66
CA THR B 189 22.78 -8.51 22.57
C THR B 189 24.07 -8.99 21.92
N VAL B 190 24.56 -8.28 20.90
CA VAL B 190 25.82 -8.65 20.26
C VAL B 190 26.67 -7.40 20.07
N VAL B 191 27.97 -7.52 20.30
CA VAL B 191 28.91 -6.43 20.02
C VAL B 191 30.10 -6.95 19.24
N THR B 192 30.51 -6.17 18.23
CA THR B 192 31.59 -6.45 17.29
C THR B 192 32.73 -5.46 17.40
N HIS B 193 33.94 -6.00 17.45
CA HIS B 193 35.16 -5.23 17.43
C HIS B 193 36.01 -5.64 16.24
N VAL B 194 36.83 -4.72 15.76
CA VAL B 194 37.66 -4.95 14.57
C VAL B 194 38.91 -4.09 14.67
N ALA B 195 40.05 -4.67 14.30
CA ALA B 195 41.35 -4.04 14.36
C ALA B 195 41.87 -3.74 12.96
N GLN B 196 42.96 -2.99 12.92
CA GLN B 196 43.59 -2.57 11.67
C GLN B 196 44.58 -3.60 11.17
N CYS B 198 42.18 -7.39 9.71
CA CYS B 198 42.22 -8.74 9.16
C CYS B 198 41.68 -9.76 10.16
N ASN B 199 41.19 -9.24 11.28
CA ASN B 199 40.90 -10.11 12.41
C ASN B 199 40.21 -9.35 13.55
N HIS B 200 39.11 -9.93 14.09
CA HIS B 200 38.70 -9.67 15.47
C HIS B 200 37.37 -10.31 15.87
N ALA B 201 36.88 -9.89 17.04
CA ALA B 201 35.95 -10.61 17.89
C ALA B 201 34.54 -10.03 17.89
N SER B 202 33.60 -10.85 18.38
CA SER B 202 32.19 -10.47 18.56
C SER B 202 31.66 -10.98 19.90
N VAL B 203 31.71 -10.13 20.92
CA VAL B 203 30.99 -10.35 22.17
C VAL B 203 29.52 -10.76 21.93
N ASP B 204 28.99 -11.62 22.81
CA ASP B 204 27.54 -11.79 22.91
C ASP B 204 27.16 -11.89 24.39
N TRP B 205 25.85 -11.73 24.61
CA TRP B 205 25.07 -11.83 25.84
C TRP B 205 23.60 -12.09 25.46
N GLN B 206 23.24 -13.39 25.45
CA GLN B 206 21.95 -13.84 24.90
C GLN B 206 21.02 -14.21 26.05
N VAL B 207 20.78 -13.18 26.85
CA VAL B 207 19.78 -13.15 27.92
C VAL B 207 18.53 -13.90 27.49
N VAL B 208 18.18 -14.97 28.19
CA VAL B 208 16.92 -15.62 27.90
C VAL B 208 15.82 -15.04 28.80
N ASN B 210 14.43 -19.76 30.13
CA ASN B 210 14.80 -20.91 30.96
C ASN B 210 15.41 -22.00 30.10
N GLY B 211 16.63 -21.77 29.62
CA GLY B 211 17.29 -22.77 28.80
C GLY B 211 18.76 -22.52 28.66
N ASP B 212 19.50 -23.61 28.52
CA ASP B 212 20.92 -23.59 28.26
C ASP B 212 21.13 -22.94 26.91
N VAL B 213 22.34 -22.42 26.68
CA VAL B 213 22.57 -21.65 25.47
C VAL B 213 23.65 -22.30 24.64
N SER B 214 23.39 -22.41 23.34
CA SER B 214 24.37 -22.76 22.34
C SER B 214 24.16 -21.79 21.19
N VAL B 215 25.25 -21.27 20.62
CA VAL B 215 25.16 -20.28 19.56
C VAL B 215 26.04 -20.73 18.40
N GLU B 216 25.44 -20.77 17.21
CA GLU B 216 26.12 -21.09 15.96
C GLU B 216 26.37 -19.78 15.22
N LEU B 217 27.58 -19.57 14.64
CA LEU B 217 27.73 -18.39 13.78
C LEU B 217 27.88 -19.05 12.41
N ARG B 218 26.76 -19.08 11.70
CA ARG B 218 26.72 -19.52 10.33
C ARG B 218 26.88 -18.29 9.41
N ASP B 219 27.35 -18.53 8.19
CA ASP B 219 27.72 -17.49 7.24
C ASP B 219 26.53 -17.18 6.31
N ALA B 220 26.78 -16.40 5.25
CA ALA B 220 25.83 -16.41 4.15
C ALA B 220 25.68 -17.82 3.59
N ASP B 221 26.77 -18.61 3.60
CA ASP B 221 26.61 -20.03 3.31
C ASP B 221 25.98 -20.76 4.47
N GLN B 222 25.85 -20.09 5.61
CA GLN B 222 25.42 -20.71 6.85
C GLN B 222 26.34 -21.86 7.25
N GLN B 223 27.57 -21.78 6.78
CA GLN B 223 28.63 -22.67 7.20
C GLN B 223 29.33 -22.01 8.39
N VAL B 224 29.71 -22.83 9.37
CA VAL B 224 30.05 -22.35 10.71
C VAL B 224 31.45 -21.72 10.72
N VAL B 225 31.58 -20.65 11.51
CA VAL B 225 32.84 -19.92 11.67
C VAL B 225 33.23 -19.71 13.14
N ALA B 226 32.30 -19.83 14.08
CA ALA B 226 32.57 -19.83 15.52
C ALA B 226 31.30 -20.32 16.22
N THR B 227 31.48 -20.86 17.43
CA THR B 227 30.38 -21.51 18.15
C THR B 227 30.66 -21.36 19.64
N GLY B 228 29.60 -21.11 20.42
CA GLY B 228 29.74 -20.98 21.85
C GLY B 228 28.60 -21.60 22.63
N GLN B 229 28.72 -21.51 23.96
CA GLN B 229 27.66 -21.92 24.88
C GLN B 229 27.48 -20.98 26.08
N SER B 232 24.79 -17.23 27.20
CA SER B 232 25.20 -16.11 28.02
C SER B 232 26.71 -15.91 27.92
N GLY B 233 27.11 -14.77 27.38
CA GLY B 233 28.51 -14.46 27.22
C GLY B 233 29.29 -15.22 26.17
N THR B 234 30.11 -14.48 25.43
CA THR B 234 31.22 -15.03 24.65
C THR B 234 32.21 -13.91 24.36
N LEU B 235 33.27 -14.25 23.61
CA LEU B 235 34.12 -13.28 22.90
C LEU B 235 34.87 -13.99 21.76
N GLN B 236 34.36 -13.93 20.50
CA GLN B 236 34.89 -14.76 19.41
C GLN B 236 35.54 -14.03 18.24
N VAL B 237 36.74 -14.49 17.89
CA VAL B 237 37.67 -14.01 16.85
C VAL B 237 37.29 -14.69 15.52
N VAL B 238 37.78 -14.17 14.37
CA VAL B 238 37.14 -14.50 13.09
C VAL B 238 38.07 -14.78 11.90
N ASN B 239 39.04 -13.90 11.64
CA ASN B 239 39.94 -14.03 10.48
C ASN B 239 39.13 -13.83 9.21
N TRP B 243 31.16 -6.09 7.07
CA TRP B 243 30.00 -5.23 6.87
C TRP B 243 30.54 -3.85 6.48
N GLN B 244 30.56 -3.51 5.18
CA GLN B 244 31.09 -2.24 4.71
C GLN B 244 30.02 -1.42 3.99
N PRO B 245 30.19 -0.08 3.94
CA PRO B 245 29.10 0.76 3.40
C PRO B 245 28.68 0.41 1.98
N GLY B 246 29.60 0.30 1.02
CA GLY B 246 29.21 0.00 -0.34
C GLY B 246 28.59 -1.39 -0.51
N GLU B 247 28.98 -2.34 0.34
CA GLU B 247 28.64 -3.75 0.17
C GLU B 247 27.66 -4.27 1.21
N GLY B 248 27.92 -4.05 2.50
CA GLY B 248 27.02 -4.50 3.55
C GLY B 248 26.85 -5.99 3.76
N TYR B 249 27.92 -6.69 4.16
CA TYR B 249 27.86 -8.12 4.47
C TYR B 249 27.17 -8.36 5.80
N LEU B 250 26.47 -9.49 5.93
CA LEU B 250 25.87 -9.90 7.20
C LEU B 250 26.15 -11.38 7.44
N TYR B 251 26.74 -11.69 8.59
CA TYR B 251 26.77 -13.04 9.12
C TYR B 251 25.46 -13.32 9.87
N GLU B 252 25.28 -14.57 10.32
CA GLU B 252 24.10 -14.92 11.09
C GLU B 252 24.51 -15.69 12.36
N LEU B 253 24.21 -15.14 13.55
CA LEU B 253 24.31 -15.94 14.77
C LEU B 253 22.94 -16.48 15.06
N CYS B 254 22.89 -17.77 15.28
CA CYS B 254 21.66 -18.46 15.56
C CYS B 254 21.76 -18.90 17.01
N VAL B 255 20.73 -18.57 17.78
CA VAL B 255 20.68 -18.82 19.21
C VAL B 255 19.77 -20.01 19.47
N THR B 256 20.31 -20.98 20.20
CA THR B 256 19.57 -22.17 20.57
C THR B 256 19.43 -22.10 22.09
N ALA B 257 18.20 -21.95 22.53
CA ALA B 257 17.83 -22.06 23.94
C ALA B 257 17.41 -23.50 24.05
N LYS B 258 18.33 -24.30 24.61
CA LYS B 258 18.21 -25.74 24.73
C LYS B 258 17.56 -26.03 26.09
N SER B 259 16.35 -26.57 26.07
CA SER B 259 15.84 -27.22 27.25
C SER B 259 15.42 -28.66 26.92
N GLN B 260 15.42 -29.47 27.99
CA GLN B 260 15.12 -30.90 27.99
C GLN B 260 13.62 -31.16 27.80
N THR B 261 12.78 -30.20 28.19
CA THR B 261 11.33 -30.20 28.02
C THR B 261 10.87 -29.78 26.63
N GLU B 262 11.68 -29.04 25.90
CA GLU B 262 11.33 -28.46 24.60
C GLU B 262 12.47 -27.53 24.22
N CYS B 263 12.50 -27.13 22.96
CA CYS B 263 13.62 -26.36 22.48
C CYS B 263 13.11 -25.13 21.75
N ASP B 264 13.96 -24.10 21.69
CA ASP B 264 13.61 -22.91 20.94
C ASP B 264 14.86 -22.36 20.28
N ILE B 265 14.69 -21.77 19.10
CA ILE B 265 15.82 -21.27 18.32
C ILE B 265 15.45 -19.90 17.76
N TYR B 266 16.47 -19.04 17.60
CA TYR B 266 16.24 -17.71 17.10
C TYR B 266 17.36 -17.37 16.11
N PRO B 267 17.02 -16.97 14.89
CA PRO B 267 18.07 -16.56 13.95
C PRO B 267 18.27 -15.04 13.98
N LEU B 268 19.48 -14.53 14.20
CA LEU B 268 19.70 -13.08 14.25
C LEU B 268 20.95 -12.68 13.48
N ARG B 269 20.78 -11.73 12.56
CA ARG B 269 21.88 -11.31 11.70
C ARG B 269 22.80 -10.37 12.44
N VAL B 270 24.07 -10.39 12.05
CA VAL B 270 25.09 -9.56 12.67
C VAL B 270 26.01 -8.99 11.61
N GLY B 271 26.47 -7.77 11.85
CA GLY B 271 27.43 -7.14 10.99
C GLY B 271 28.76 -6.87 11.68
N ILE B 272 29.85 -7.31 11.07
CA ILE B 272 31.18 -7.12 11.64
C ILE B 272 31.66 -5.76 11.16
N ARG B 273 31.52 -4.74 11.99
CA ARG B 273 32.18 -3.49 11.62
C ARG B 273 32.35 -2.66 12.89
N SER B 274 33.29 -1.72 12.82
CA SER B 274 33.61 -0.82 13.93
C SER B 274 33.39 0.65 13.56
N VAL B 275 32.80 1.41 14.47
CA VAL B 275 32.63 2.85 14.26
C VAL B 275 33.22 3.64 15.41
N ALA B 276 33.97 4.69 15.09
CA ALA B 276 34.49 5.57 16.13
C ALA B 276 34.92 6.88 15.47
N VAL B 277 35.13 7.89 16.31
CA VAL B 277 35.48 9.24 15.90
C VAL B 277 36.68 9.72 16.70
N LYS B 278 37.65 10.36 16.02
CA LYS B 278 38.27 11.54 16.62
C LYS B 278 38.98 12.36 15.54
N GLY B 279 39.60 13.46 15.99
CA GLY B 279 40.06 14.53 15.12
C GLY B 279 38.86 15.14 14.41
N GLU B 280 38.99 15.33 13.11
CA GLU B 280 37.84 15.71 12.32
C GLU B 280 37.34 14.52 11.52
N GLN B 281 37.48 13.30 12.06
CA GLN B 281 37.19 12.12 11.28
C GLN B 281 36.26 11.18 12.01
N PHE B 282 35.25 10.78 11.24
CA PHE B 282 34.28 9.75 11.56
C PHE B 282 34.70 8.54 10.74
N LEU B 283 35.06 7.46 11.41
CA LEU B 283 35.60 6.29 10.74
C LEU B 283 34.79 5.04 11.00
N ILE B 284 34.45 4.37 9.89
CA ILE B 284 33.72 3.12 9.82
C ILE B 284 34.78 2.06 9.57
N ASN B 285 34.99 1.17 10.53
CA ASN B 285 36.05 0.16 10.39
C ASN B 285 37.38 0.85 10.19
N HIS B 286 37.64 1.87 11.02
CA HIS B 286 38.93 2.54 11.09
C HIS B 286 39.26 3.26 9.78
N LYS B 287 38.23 3.62 8.99
CA LYS B 287 38.34 4.32 7.70
C LYS B 287 37.55 5.62 7.70
N PRO B 288 38.10 6.72 7.16
CA PRO B 288 37.40 8.01 7.22
C PRO B 288 36.19 8.11 6.30
N PHE B 289 35.00 8.12 6.91
CA PHE B 289 33.75 8.13 6.17
C PHE B 289 33.36 9.52 5.67
N TYR B 290 32.57 9.56 4.59
CA TYR B 290 31.80 10.75 4.28
C TYR B 290 30.32 10.38 4.10
N PHE B 291 29.46 10.96 4.95
CA PHE B 291 28.03 10.71 4.90
C PHE B 291 27.45 11.48 3.74
N THR B 292 26.64 10.81 2.94
CA THR B 292 25.93 11.52 1.90
C THR B 292 24.50 11.02 1.93
N GLY B 293 23.54 11.89 1.69
CA GLY B 293 22.21 11.33 1.69
C GLY B 293 21.18 12.28 2.23
N PHE B 294 20.24 11.76 3.02
CA PHE B 294 19.02 12.53 3.24
C PHE B 294 18.54 12.53 4.68
N GLY B 295 17.89 13.63 5.06
CA GLY B 295 16.88 13.54 6.08
C GLY B 295 15.61 13.04 5.42
N ARG B 296 14.89 12.17 6.13
CA ARG B 296 13.72 11.58 5.50
C ARG B 296 12.47 11.87 6.33
N HIS B 297 11.35 11.24 5.94
CA HIS B 297 10.12 11.21 6.71
C HIS B 297 9.35 9.95 6.32
N GLU B 298 8.56 9.43 7.28
CA GLU B 298 7.60 8.37 6.97
C GLU B 298 6.29 9.07 6.61
N ASP B 299 6.21 9.46 5.35
CA ASP B 299 5.04 10.17 4.88
C ASP B 299 4.81 9.83 3.42
N ALA B 300 3.55 9.66 3.06
CA ALA B 300 3.15 9.23 1.74
C ALA B 300 1.66 9.49 1.59
N ASP B 301 1.22 9.53 0.36
CA ASP B 301 -0.15 9.89 0.11
C ASP B 301 -1.15 8.85 0.63
N LEU B 302 -2.29 9.32 1.11
CA LEU B 302 -3.42 8.51 1.60
C LEU B 302 -3.08 7.70 2.85
N ARG B 303 -1.92 7.08 2.93
CA ARG B 303 -1.61 6.22 4.08
C ARG B 303 -0.93 6.97 5.24
N GLY B 304 -0.59 8.23 5.08
CA GLY B 304 0.09 8.96 6.14
C GLY B 304 1.43 8.37 6.50
N LYS B 305 1.63 8.06 7.76
CA LYS B 305 2.87 7.45 8.19
C LYS B 305 2.82 5.92 8.14
N GLY B 306 1.78 5.37 7.52
CA GLY B 306 1.66 3.92 7.44
C GLY B 306 2.77 3.32 6.60
N PHE B 307 3.32 2.20 7.08
CA PHE B 307 4.40 1.51 6.39
C PHE B 307 3.89 0.77 5.16
N ASP B 308 4.70 0.80 4.09
CA ASP B 308 4.29 0.09 2.89
C ASP B 308 5.54 -0.40 2.15
N ASN B 309 5.51 -1.66 1.73
CA ASN B 309 6.70 -2.30 1.16
C ASN B 309 7.08 -1.72 -0.20
N VAL B 310 6.08 -1.46 -1.06
CA VAL B 310 6.34 -0.86 -2.36
C VAL B 310 7.03 0.49 -2.18
N LEU B 311 6.59 1.27 -1.21
CA LEU B 311 7.19 2.57 -0.94
C LEU B 311 8.65 2.41 -0.55
N MET B 312 8.96 1.41 0.28
CA MET B 312 10.34 1.19 0.70
C MET B 312 11.22 0.75 -0.45
N VAL B 313 10.74 -0.19 -1.27
CA VAL B 313 11.50 -0.64 -2.44
C VAL B 313 11.77 0.52 -3.39
N HIS B 314 10.73 1.31 -3.69
CA HIS B 314 10.89 2.43 -4.62
C HIS B 314 11.79 3.53 -4.04
N ASP B 315 11.58 3.91 -2.79
CA ASP B 315 12.41 4.97 -2.23
C ASP B 315 13.87 4.55 -2.12
N HIS B 316 14.12 3.26 -1.89
CA HIS B 316 15.50 2.81 -1.86
C HIS B 316 16.10 2.74 -3.26
N ALA B 317 15.32 2.39 -4.27
CA ALA B 317 15.84 2.51 -5.62
C ALA B 317 16.28 3.95 -5.87
N LEU B 318 15.45 4.92 -5.48
CA LEU B 318 15.75 6.34 -5.69
C LEU B 318 17.04 6.76 -4.98
N MET B 319 17.17 6.42 -3.70
CA MET B 319 18.36 6.83 -2.98
C MET B 319 19.61 6.18 -3.57
N ASP B 320 19.51 4.92 -3.98
CA ASP B 320 20.64 4.27 -4.63
C ASP B 320 21.01 4.96 -5.94
N TRP B 321 20.04 5.24 -6.78
CA TRP B 321 20.33 5.92 -8.03
C TRP B 321 21.01 7.27 -7.78
N ILE B 322 20.43 8.09 -6.90
CA ILE B 322 20.93 9.45 -6.75
C ILE B 322 22.32 9.49 -6.12
N GLY B 323 22.76 8.39 -5.51
CA GLY B 323 24.10 8.30 -4.96
C GLY B 323 24.21 8.49 -3.47
N ALA B 324 23.09 8.53 -2.76
CA ALA B 324 23.14 8.61 -1.31
C ALA B 324 23.64 7.30 -0.72
N ASN B 325 24.49 7.40 0.32
CA ASN B 325 24.95 6.23 1.07
C ASN B 325 24.41 6.21 2.49
N SER B 326 23.71 7.26 2.92
CA SER B 326 23.28 7.37 4.29
C SER B 326 22.00 8.18 4.38
N TYR B 327 21.28 7.95 5.47
CA TYR B 327 20.13 8.76 5.79
C TYR B 327 19.91 8.79 7.30
N ARG B 328 19.21 9.83 7.72
CA ARG B 328 18.85 10.04 9.11
C ARG B 328 17.35 9.78 9.27
N THR B 329 17.00 8.97 10.25
CA THR B 329 15.61 8.67 10.52
C THR B 329 14.92 9.88 11.16
N SER B 330 14.67 10.92 10.35
CA SER B 330 14.34 12.26 10.88
C SER B 330 13.13 12.26 11.79
N HIS B 331 13.39 12.66 13.02
CA HIS B 331 12.47 13.11 14.07
C HIS B 331 11.71 11.98 14.70
N TYR B 332 12.07 10.73 14.41
CA TYR B 332 11.45 9.59 15.07
C TYR B 332 12.13 8.30 14.59
N PRO B 333 12.00 7.20 15.35
CA PRO B 333 12.49 5.90 14.85
C PRO B 333 11.62 5.35 13.73
N TYR B 334 12.27 4.88 12.67
CA TYR B 334 11.61 4.44 11.45
C TYR B 334 11.09 3.02 11.58
N ALA B 335 10.66 2.48 10.45
CA ALA B 335 10.30 1.09 10.35
C ALA B 335 11.49 0.20 10.71
N GLU B 336 11.25 -0.84 11.48
CA GLU B 336 12.33 -1.78 11.75
C GLU B 336 12.82 -2.37 10.41
N GLU B 337 11.88 -2.57 9.47
CA GLU B 337 12.19 -3.04 8.13
C GLU B 337 13.11 -2.08 7.39
N MET B 338 12.99 -0.78 7.69
CA MET B 338 13.95 0.19 7.15
C MET B 338 15.37 -0.26 7.46
N LEU B 339 15.61 -0.58 8.74
CA LEU B 339 16.94 -0.93 9.20
C LEU B 339 17.35 -2.32 8.74
N ASP B 340 16.40 -3.25 8.57
CA ASP B 340 16.76 -4.51 7.95
C ASP B 340 17.27 -4.28 6.54
N TRP B 341 16.58 -3.41 5.79
CA TRP B 341 17.04 -3.09 4.46
C TRP B 341 18.44 -2.46 4.52
N ALA B 342 18.63 -1.50 5.44
CA ALA B 342 19.90 -0.78 5.53
C ALA B 342 21.06 -1.67 5.98
N ASP B 343 20.84 -2.51 6.99
CA ASP B 343 21.83 -3.53 7.35
C ASP B 343 22.11 -4.39 6.15
N GLU B 344 21.02 -4.85 5.59
CA GLU B 344 21.10 -5.91 4.63
C GLU B 344 21.58 -5.41 3.30
N HIS B 345 21.45 -4.13 3.03
CA HIS B 345 21.98 -3.44 1.85
C HIS B 345 23.18 -2.55 2.13
N GLY B 346 23.66 -2.50 3.36
CA GLY B 346 24.77 -1.63 3.69
C GLY B 346 24.49 -0.14 3.58
N ILE B 347 23.39 0.33 4.12
CA ILE B 347 23.15 1.76 4.20
C ILE B 347 23.54 2.25 5.58
N VAL B 348 24.22 3.40 5.63
CA VAL B 348 24.53 4.03 6.90
C VAL B 348 23.32 4.82 7.39
N VAL B 349 22.94 4.60 8.64
CA VAL B 349 21.75 5.18 9.22
C VAL B 349 22.14 5.96 10.46
N ILE B 350 21.76 7.22 10.52
CA ILE B 350 21.89 7.99 11.76
C ILE B 350 20.56 7.87 12.47
N ASP B 351 20.50 7.05 13.51
CA ASP B 351 19.24 6.77 14.20
C ASP B 351 18.88 7.84 15.22
N GLU B 352 17.60 8.25 15.23
CA GLU B 352 17.08 9.36 16.01
C GLU B 352 15.76 9.01 16.68
N THR B 353 15.57 9.51 17.91
CA THR B 353 14.31 9.33 18.62
C THR B 353 13.32 10.46 18.25
N ALA B 354 12.13 10.42 18.86
CA ALA B 354 11.03 11.33 18.52
C ALA B 354 11.05 12.61 19.35
N ALA B 355 12.23 13.04 19.79
CA ALA B 355 12.35 14.18 20.70
C ALA B 355 12.50 15.45 19.86
N VAL B 356 11.36 15.92 19.34
CA VAL B 356 11.28 17.11 18.50
C VAL B 356 10.26 18.07 19.09
N GLY B 357 10.51 19.35 18.89
CA GLY B 357 9.60 20.35 19.38
C GLY B 357 9.91 20.88 20.76
N PHE B 358 11.09 20.55 21.30
CA PHE B 358 11.57 21.14 22.55
C PHE B 358 12.17 22.51 22.28
N ASN B 359 11.31 23.40 21.82
CA ASN B 359 11.72 24.72 21.35
C ASN B 359 10.50 25.57 21.07
N LEU B 360 10.49 26.80 21.55
CA LEU B 360 9.35 27.68 21.33
C LEU B 360 9.77 28.95 20.57
N SER B 361 10.74 28.87 19.63
CA SER B 361 11.27 30.13 19.12
C SER B 361 11.05 30.47 17.63
N LEU B 362 10.96 29.51 16.70
CA LEU B 362 10.61 29.89 15.31
C LEU B 362 9.37 29.17 14.85
N GLY B 363 8.22 29.75 15.23
CA GLY B 363 6.93 29.47 14.65
C GLY B 363 6.62 30.58 13.64
N ILE B 364 5.44 30.52 13.05
CA ILE B 364 5.04 31.62 12.18
C ILE B 364 4.84 32.89 13.00
N GLY B 365 4.45 33.97 12.33
CA GLY B 365 4.19 35.26 12.94
C GLY B 365 2.69 35.45 13.07
N PHE B 366 2.28 36.72 13.22
CA PHE B 366 0.85 37.10 13.19
C PHE B 366 0.01 36.36 14.25
N LYS B 371 1.62 30.79 25.77
CA LYS B 371 2.80 29.94 25.71
C LYS B 371 3.66 30.10 26.98
N PRO B 372 4.31 29.02 27.43
CA PRO B 372 5.15 29.12 28.63
C PRO B 372 6.33 30.06 28.40
N LYS B 373 6.55 30.98 29.33
CA LYS B 373 7.52 32.05 29.08
C LYS B 373 8.97 31.63 29.33
N GLU B 374 9.22 30.40 29.79
CA GLU B 374 10.56 29.83 29.91
C GLU B 374 10.48 28.35 29.63
N LEU B 375 11.29 27.88 28.69
CA LEU B 375 11.13 26.52 28.17
C LEU B 375 11.42 25.45 29.23
N TYR B 376 12.48 25.61 30.02
CA TYR B 376 12.85 24.60 31.01
C TYR B 376 12.34 25.00 32.39
N SER B 377 11.28 24.33 32.83
CA SER B 377 10.54 24.66 34.04
C SER B 377 9.44 23.64 34.26
N GLU B 378 8.70 23.74 35.36
CA GLU B 378 7.69 22.71 35.60
C GLU B 378 6.50 22.89 34.67
N GLU B 379 6.23 24.13 34.24
CA GLU B 379 5.11 24.36 33.33
C GLU B 379 5.31 23.63 32.02
N ALA B 380 6.55 23.60 31.52
CA ALA B 380 6.87 22.96 30.25
C ALA B 380 7.72 21.71 30.46
N VAL B 381 8.97 21.81 30.03
CA VAL B 381 9.95 20.73 30.18
C VAL B 381 10.24 20.53 31.66
N ASN B 382 9.68 19.48 32.24
CA ASN B 382 9.77 19.22 33.67
C ASN B 382 10.44 17.87 33.89
N GLY B 383 10.41 17.40 35.13
CA GLY B 383 11.06 16.14 35.47
C GLY B 383 10.38 14.95 34.82
N GLU B 384 9.05 14.93 34.81
CA GLU B 384 8.32 13.88 34.10
C GLU B 384 8.74 13.81 32.64
N THR B 385 8.92 14.97 32.00
CA THR B 385 9.40 15.01 30.62
C THR B 385 10.76 14.32 30.52
N GLN B 386 11.64 14.58 31.49
CA GLN B 386 12.91 13.87 31.65
C GLN B 386 12.69 12.35 31.68
N GLN B 387 11.70 11.87 32.46
CA GLN B 387 11.48 10.44 32.52
C GLN B 387 11.06 9.89 31.17
N ALA B 388 10.00 10.46 30.59
CA ALA B 388 9.47 9.95 29.34
C ALA B 388 10.52 10.02 28.25
N HIS B 389 11.34 11.07 28.28
CA HIS B 389 12.41 11.20 27.31
C HIS B 389 13.41 10.08 27.47
N LEU B 390 13.84 9.84 28.71
CA LEU B 390 14.76 8.73 28.99
C LEU B 390 14.17 7.40 28.56
N GLN B 391 12.88 7.18 28.81
CA GLN B 391 12.26 5.92 28.45
C GLN B 391 12.17 5.76 26.94
N ALA B 392 11.88 6.85 26.24
CA ALA B 392 11.83 6.82 24.79
C ALA B 392 13.20 6.51 24.21
N ILE B 393 14.24 7.12 24.78
CA ILE B 393 15.61 6.80 24.38
C ILE B 393 15.89 5.32 24.60
N LYS B 394 15.37 4.77 25.72
CA LYS B 394 15.73 3.40 26.05
C LYS B 394 14.94 2.43 25.15
N GLU B 395 13.69 2.74 24.81
CA GLU B 395 12.95 1.86 23.90
C GLU B 395 13.63 1.84 22.54
N LEU B 396 14.05 3.02 22.04
CA LEU B 396 14.81 3.01 20.79
C LEU B 396 16.03 2.11 20.93
N ILE B 397 16.72 2.19 22.06
CA ILE B 397 17.96 1.43 22.27
C ILE B 397 17.67 -0.07 22.27
N ALA B 398 16.60 -0.49 22.96
CA ALA B 398 16.24 -1.90 23.06
C ALA B 398 15.81 -2.48 21.73
N ARG B 399 15.19 -1.68 20.86
CA ARG B 399 14.74 -2.29 19.62
C ARG B 399 15.80 -2.25 18.52
N ASP B 400 16.68 -1.26 18.50
CA ASP B 400 17.66 -1.14 17.41
C ASP B 400 19.10 -1.40 17.87
N LYS B 401 19.26 -2.00 19.05
CA LYS B 401 20.60 -2.28 19.60
C LYS B 401 21.38 -3.27 18.74
N ASN B 402 20.73 -4.31 18.19
CA ASN B 402 21.47 -5.32 17.43
C ASN B 402 21.74 -4.90 15.99
N HIS B 403 20.95 -3.96 15.44
CA HIS B 403 21.06 -3.57 14.04
C HIS B 403 22.45 -3.00 13.73
N PRO B 404 23.21 -3.60 12.81
CA PRO B 404 24.50 -3.03 12.44
C PRO B 404 24.44 -1.70 11.67
N SER B 405 23.37 -1.45 10.89
CA SER B 405 23.31 -0.23 10.08
C SER B 405 23.31 1.04 10.91
N VAL B 406 22.81 0.99 12.14
CA VAL B 406 22.81 2.17 12.99
C VAL B 406 24.27 2.53 13.31
N VAL B 407 24.64 3.75 12.98
CA VAL B 407 26.01 4.20 13.10
C VAL B 407 26.15 5.31 14.14
N MET B 408 25.03 5.92 14.55
CA MET B 408 25.02 6.98 15.54
C MET B 408 23.62 7.11 16.10
N TRP B 409 23.50 7.48 17.36
CA TRP B 409 22.20 7.71 17.97
C TRP B 409 21.96 9.20 18.24
N SER B 410 20.77 9.67 17.85
CA SER B 410 20.34 11.05 18.03
C SER B 410 19.35 11.14 19.19
N ILE B 411 19.76 11.87 20.22
CA ILE B 411 19.00 11.93 21.46
C ILE B 411 17.77 12.81 21.29
N ALA B 412 17.86 13.84 20.46
CA ALA B 412 16.79 14.80 20.22
C ALA B 412 17.11 15.53 18.94
N ASN B 413 16.12 16.26 18.42
CA ASN B 413 16.32 17.08 17.23
C ASN B 413 15.89 18.51 17.50
N GLU B 414 16.79 19.43 17.31
CA GLU B 414 16.52 20.87 17.28
C GLU B 414 15.91 21.48 18.55
N PRO B 415 16.40 21.15 19.75
CA PRO B 415 15.95 21.88 20.94
C PRO B 415 16.55 23.29 20.99
N ASP B 416 15.92 24.14 21.81
CA ASP B 416 16.45 25.47 22.08
C ASP B 416 17.41 25.39 23.27
N THR B 417 18.69 25.72 23.04
CA THR B 417 19.75 25.52 24.02
C THR B 417 20.08 26.77 24.83
N ARG B 418 19.53 27.94 24.42
CA ARG B 418 19.78 29.26 24.96
C ARG B 418 19.17 29.49 26.35
N PRO B 419 17.93 29.08 26.61
CA PRO B 419 17.42 29.27 27.97
C PRO B 419 18.26 28.47 28.95
N GLN B 420 18.45 29.06 30.12
CA GLN B 420 19.12 28.36 31.19
C GLN B 420 18.30 27.14 31.58
N GLY B 421 18.98 26.02 31.80
CA GLY B 421 18.31 24.78 32.17
C GLY B 421 18.39 23.68 31.13
N ALA B 422 18.66 24.03 29.87
CA ALA B 422 18.89 22.99 28.86
C ALA B 422 19.96 22.02 29.32
N ARG B 423 21.06 22.53 29.88
CA ARG B 423 22.08 21.60 30.29
C ARG B 423 21.64 20.75 31.50
N GLU B 424 20.71 21.21 32.38
CA GLU B 424 20.26 20.22 33.38
C GLU B 424 19.44 19.11 32.77
N TYR B 425 18.60 19.45 31.80
CA TYR B 425 17.73 18.45 31.25
C TYR B 425 18.56 17.44 30.49
N PHE B 426 19.57 17.94 29.80
CA PHE B 426 20.33 17.18 28.82
C PHE B 426 21.43 16.33 29.43
N ALA B 427 22.18 16.87 30.39
CA ALA B 427 23.34 16.13 30.91
C ALA B 427 22.99 14.71 31.35
N PRO B 428 21.97 14.48 32.20
CA PRO B 428 21.60 13.10 32.53
C PRO B 428 21.25 12.26 31.32
N LEU B 429 20.63 12.82 30.29
CA LEU B 429 20.26 12.02 29.12
C LEU B 429 21.47 11.64 28.28
N ALA B 430 22.45 12.54 28.13
CA ALA B 430 23.67 12.18 27.41
C ALA B 430 24.51 11.17 28.19
N GLU B 431 24.69 11.39 29.50
CA GLU B 431 25.44 10.44 30.30
C GLU B 431 24.74 9.09 30.27
N ALA B 432 23.45 9.10 30.59
CA ALA B 432 22.69 7.86 30.65
C ALA B 432 22.69 7.15 29.32
N THR B 433 22.57 7.89 28.22
CA THR B 433 22.48 7.23 26.93
C THR B 433 23.82 6.65 26.53
N ARG B 434 24.92 7.40 26.73
CA ARG B 434 26.24 6.82 26.52
C ARG B 434 26.40 5.56 27.34
N LYS B 435 25.89 5.57 28.57
CA LYS B 435 25.88 4.41 29.46
C LYS B 435 24.91 3.33 29.00
N LEU B 436 24.00 3.63 28.09
CA LEU B 436 23.10 2.62 27.54
C LEU B 436 23.59 2.02 26.25
N ASP B 437 24.64 2.61 25.64
CA ASP B 437 25.44 1.87 24.65
C ASP B 437 26.75 2.58 24.33
N PRO B 438 27.89 2.05 24.81
CA PRO B 438 29.19 2.64 24.48
C PRO B 438 29.68 2.25 23.10
N THR B 439 29.01 1.28 22.48
CA THR B 439 29.37 0.80 21.15
C THR B 439 28.84 1.70 20.03
N ARG B 440 27.98 2.70 20.33
CA ARG B 440 27.61 3.65 19.27
C ARG B 440 27.85 5.10 19.72
N PRO B 441 28.31 5.96 18.83
CA PRO B 441 28.45 7.37 19.16
C PRO B 441 27.08 8.07 19.22
N ILE B 442 27.08 9.28 19.79
CA ILE B 442 25.85 9.98 20.11
C ILE B 442 25.93 11.44 19.65
N THR B 443 24.80 11.96 19.16
CA THR B 443 24.67 13.36 18.73
C THR B 443 23.30 13.90 19.10
N CYS B 444 23.20 15.24 19.07
CA CYS B 444 21.94 15.94 19.28
C CYS B 444 21.87 17.10 18.29
N VAL B 445 20.88 17.08 17.39
CA VAL B 445 20.83 18.00 16.25
C VAL B 445 20.41 19.39 16.71
N ASN B 446 21.19 20.42 16.36
CA ASN B 446 20.96 21.76 16.90
C ASN B 446 20.55 22.75 15.79
N VAL B 447 19.66 23.67 16.16
CA VAL B 447 19.01 24.62 15.25
C VAL B 447 19.99 25.72 14.82
N MET B 448 19.59 26.44 13.77
CA MET B 448 20.39 27.51 13.18
C MET B 448 20.65 28.61 14.20
N PHE B 449 19.61 29.04 14.91
CA PHE B 449 19.81 30.22 15.74
C PHE B 449 20.66 29.96 16.99
N CYS B 450 20.89 28.70 17.37
CA CYS B 450 21.87 28.43 18.41
C CYS B 450 23.24 28.28 17.76
N ASP B 451 23.77 29.41 17.29
CA ASP B 451 25.01 29.39 16.50
C ASP B 451 26.22 29.05 17.38
N ALA B 452 27.44 29.30 16.88
CA ALA B 452 28.65 28.88 17.59
C ALA B 452 28.75 29.54 18.98
N HIS B 453 28.56 30.87 19.02
CA HIS B 453 28.70 31.63 20.27
C HIS B 453 27.60 31.32 21.28
N THR B 454 26.40 31.03 20.79
CA THR B 454 25.25 30.97 21.65
C THR B 454 24.96 29.57 22.19
N ASP B 455 25.37 28.52 21.50
CA ASP B 455 24.91 27.18 21.88
C ASP B 455 25.61 26.74 23.16
N THR B 456 24.87 25.96 23.95
CA THR B 456 25.20 25.65 25.33
C THR B 456 25.68 24.23 25.51
N ILE B 457 25.36 23.34 24.58
CA ILE B 457 25.50 21.94 24.96
C ILE B 457 26.25 21.10 23.91
N SER B 458 26.84 21.71 22.90
CA SER B 458 27.36 20.87 21.81
C SER B 458 28.44 19.89 22.27
N ASP B 459 29.03 20.09 23.46
CA ASP B 459 30.13 19.24 23.92
C ASP B 459 29.70 18.00 24.71
N LEU B 460 28.42 17.78 25.01
CA LEU B 460 28.05 16.50 25.61
C LEU B 460 27.88 15.38 24.59
N PHE B 461 28.23 15.61 23.33
CA PHE B 461 27.98 14.65 22.26
C PHE B 461 29.26 14.43 21.47
N ASP B 462 29.34 13.25 20.82
CA ASP B 462 30.55 12.79 20.14
C ASP B 462 30.75 13.51 18.82
N VAL B 463 29.65 13.72 18.10
CA VAL B 463 29.58 14.49 16.87
C VAL B 463 28.43 15.47 17.07
N LEU B 464 28.53 16.67 16.52
CA LEU B 464 27.37 17.54 16.53
C LEU B 464 26.88 17.71 15.10
N CYS B 465 25.56 17.65 14.94
CA CYS B 465 24.93 17.68 13.63
C CYS B 465 24.14 18.97 13.44
N LEU B 466 24.47 19.71 12.38
CA LEU B 466 23.92 21.04 12.13
C LEU B 466 22.80 21.00 11.10
N ASN B 467 21.73 21.72 11.40
CA ASN B 467 20.66 22.04 10.46
C ASN B 467 20.79 23.53 10.16
N ARG B 468 21.25 23.85 8.96
CA ARG B 468 21.48 25.25 8.61
C ARG B 468 20.71 25.61 7.34
N TYR B 469 20.08 26.79 7.38
CA TYR B 469 19.26 27.25 6.27
C TYR B 469 19.55 28.68 5.91
N TYR B 470 20.82 29.10 5.96
CA TYR B 470 21.15 30.45 5.52
C TYR B 470 20.94 30.57 4.03
N GLY B 471 20.45 31.73 3.60
CA GLY B 471 19.96 31.91 2.25
C GLY B 471 18.50 31.57 2.05
N TRP B 472 17.85 30.94 3.04
CA TRP B 472 16.42 30.68 2.97
C TRP B 472 15.65 31.49 4.02
N TYR B 473 15.71 31.08 5.29
CA TYR B 473 14.98 31.78 6.35
C TYR B 473 15.64 33.11 6.74
N VAL B 474 16.94 33.26 6.50
CA VAL B 474 17.66 34.51 6.71
C VAL B 474 18.52 34.73 5.47
N GLN B 475 18.79 36.01 5.19
CA GLN B 475 19.41 36.42 3.91
C GLN B 475 18.63 35.84 2.73
N SER B 476 17.31 35.92 2.81
CA SER B 476 16.47 35.24 1.84
C SER B 476 16.78 35.72 0.42
N GLY B 477 17.18 34.77 -0.43
CA GLY B 477 17.58 35.06 -1.80
C GLY B 477 18.99 35.54 -1.97
N ASP B 478 19.66 35.93 -0.88
CA ASP B 478 20.94 36.62 -0.94
C ASP B 478 22.01 35.54 -0.84
N LEU B 479 22.39 34.99 -1.99
CA LEU B 479 23.19 33.78 -1.98
C LEU B 479 24.69 34.08 -1.80
N GLU B 480 25.17 35.25 -2.27
CA GLU B 480 26.54 35.70 -1.97
C GLU B 480 26.73 35.92 -0.46
N THR B 481 25.84 36.69 0.15
CA THR B 481 25.91 37.00 1.58
C THR B 481 25.79 35.72 2.40
N ALA B 482 24.81 34.87 2.03
CA ALA B 482 24.59 33.60 2.71
C ALA B 482 25.82 32.71 2.63
N GLU B 483 26.46 32.69 1.46
CA GLU B 483 27.74 31.99 1.33
C GLU B 483 28.73 32.47 2.38
N LYS B 484 28.91 33.80 2.47
CA LYS B 484 29.88 34.34 3.43
C LYS B 484 29.56 33.88 4.86
N VAL B 485 28.27 33.93 5.24
CA VAL B 485 27.89 33.51 6.60
C VAL B 485 28.21 32.04 6.81
N LEU B 486 27.81 31.20 5.85
CA LEU B 486 27.96 29.76 6.02
C LEU B 486 29.42 29.39 6.16
N GLU B 487 30.27 29.97 5.31
CA GLU B 487 31.70 29.72 5.47
C GLU B 487 32.23 30.18 6.82
N LYS B 488 31.88 31.40 7.24
CA LYS B 488 32.52 31.91 8.45
C LYS B 488 32.05 31.16 9.70
N GLU B 489 30.76 30.87 9.80
CA GLU B 489 30.32 30.17 11.00
C GLU B 489 30.65 28.67 10.93
N LEU B 490 30.84 28.12 9.73
CA LEU B 490 31.33 26.75 9.64
C LEU B 490 32.75 26.66 10.18
N LEU B 491 33.61 27.58 9.74
CA LEU B 491 34.98 27.61 10.28
C LEU B 491 34.95 27.90 11.77
N ALA B 492 34.02 28.75 12.20
CA ALA B 492 33.87 29.09 13.61
C ALA B 492 33.54 27.85 14.43
N TRP B 493 32.67 27.00 13.90
CA TRP B 493 32.32 25.77 14.59
C TRP B 493 33.50 24.81 14.64
N GLN B 494 34.25 24.71 13.53
CA GLN B 494 35.42 23.83 13.50
C GLN B 494 36.47 24.24 14.53
N GLU B 495 36.80 25.54 14.59
CA GLU B 495 37.68 26.03 15.64
C GLU B 495 37.07 25.84 17.04
N LYS B 496 35.75 26.02 17.19
CA LYS B 496 35.12 26.11 18.51
C LYS B 496 34.97 24.73 19.16
N LEU B 497 34.90 23.64 18.39
CA LEU B 497 34.87 22.34 19.04
C LEU B 497 35.78 21.27 18.48
N HIS B 498 36.32 21.44 17.28
CA HIS B 498 37.19 20.42 16.66
C HIS B 498 36.56 19.01 16.71
N GLN B 499 35.24 18.94 16.60
CA GLN B 499 34.54 17.68 16.45
C GLN B 499 34.26 17.44 14.99
N PRO B 500 33.95 16.21 14.59
CA PRO B 500 33.39 16.00 13.26
C PRO B 500 32.02 16.65 13.21
N ILE B 501 31.69 17.24 12.06
CA ILE B 501 30.39 17.89 11.83
C ILE B 501 29.67 17.18 10.70
N ILE B 502 28.40 16.81 10.91
CA ILE B 502 27.52 16.36 9.82
C ILE B 502 26.45 17.41 9.62
N ILE B 503 26.14 17.72 8.36
CA ILE B 503 25.01 18.61 8.08
C ILE B 503 23.77 17.74 7.81
N THR B 504 23.02 17.50 8.88
CA THR B 504 21.79 16.71 8.89
C THR B 504 20.61 17.40 8.20
N GLU B 505 20.65 18.72 8.01
CA GLU B 505 19.57 19.41 7.30
C GLU B 505 20.08 20.59 6.47
N TYR B 506 19.84 20.56 5.16
CA TYR B 506 19.98 21.77 4.36
C TYR B 506 19.14 21.60 3.12
N GLY B 507 18.29 22.57 2.86
CA GLY B 507 17.35 22.47 1.76
C GLY B 507 16.53 23.73 1.67
N VAL B 508 15.86 23.88 0.53
CA VAL B 508 15.03 25.04 0.25
C VAL B 508 13.73 24.58 -0.38
N ASP B 509 12.62 25.21 -0.02
CA ASP B 509 11.32 24.86 -0.60
C ASP B 509 11.34 25.15 -2.09
N THR B 510 10.87 24.18 -2.88
CA THR B 510 10.98 24.23 -4.31
C THR B 510 9.67 23.67 -4.87
N LEU B 511 8.92 24.51 -5.58
CA LEU B 511 7.68 24.09 -6.22
C LEU B 511 8.01 23.46 -7.57
N ALA B 512 7.71 22.18 -7.72
CA ALA B 512 7.93 21.53 -9.00
C ALA B 512 7.25 22.31 -10.13
N GLY B 513 8.02 22.64 -11.15
CA GLY B 513 7.51 23.34 -12.30
C GLY B 513 7.60 24.84 -12.20
N LEU B 514 8.04 25.36 -11.07
CA LEU B 514 8.32 26.78 -10.97
C LEU B 514 9.77 27.00 -11.42
N HIS B 515 9.93 27.74 -12.52
CA HIS B 515 11.23 28.03 -13.11
C HIS B 515 11.35 29.52 -13.27
N SER B 516 12.59 30.01 -13.21
CA SER B 516 12.84 31.45 -13.20
C SER B 516 14.16 31.78 -13.89
N MET B 517 14.13 32.79 -14.74
CA MET B 517 15.33 33.29 -15.42
C MET B 517 16.24 34.09 -14.50
N TYR B 518 15.71 34.52 -13.36
CA TYR B 518 16.50 34.94 -12.23
C TYR B 518 16.78 33.68 -11.44
N THR B 519 17.21 33.80 -10.25
CA THR B 519 17.26 32.63 -9.39
C THR B 519 16.50 33.02 -8.13
N ASP B 520 15.18 33.09 -8.26
CA ASP B 520 14.33 33.54 -7.18
C ASP B 520 13.97 32.35 -6.32
N MET B 521 13.68 32.63 -5.06
CA MET B 521 13.31 31.57 -4.16
C MET B 521 12.10 30.83 -4.72
N TRP B 522 11.88 29.61 -4.21
CA TRP B 522 10.81 28.69 -4.63
C TRP B 522 10.96 28.21 -6.07
N SER B 523 12.17 28.19 -6.59
CA SER B 523 12.26 27.79 -7.98
C SER B 523 13.30 26.71 -8.09
N GLU B 524 13.11 25.86 -9.12
CA GLU B 524 13.99 24.71 -9.28
C GLU B 524 15.42 25.17 -9.54
N GLU B 525 15.55 26.24 -10.31
CA GLU B 525 16.86 26.84 -10.52
C GLU B 525 17.45 27.26 -9.19
N TYR B 526 16.61 27.84 -8.30
CA TYR B 526 17.11 28.30 -6.99
C TYR B 526 17.54 27.15 -6.11
N GLN B 527 16.78 26.05 -6.12
CA GLN B 527 17.22 24.92 -5.33
C GLN B 527 18.56 24.43 -5.82
N CYS B 528 18.74 24.39 -7.15
CA CYS B 528 20.00 23.93 -7.73
C CYS B 528 21.15 24.86 -7.31
N ALA B 529 20.95 26.17 -7.49
CA ALA B 529 22.03 27.10 -7.21
C ALA B 529 22.36 27.10 -5.73
N TRP B 530 21.35 27.01 -4.87
CA TRP B 530 21.57 27.04 -3.43
C TRP B 530 22.32 25.81 -2.96
N LEU B 531 21.92 24.64 -3.45
CA LEU B 531 22.65 23.43 -3.08
C LEU B 531 24.09 23.48 -3.58
N ASP B 532 24.31 24.00 -4.79
CA ASP B 532 25.68 24.05 -5.30
C ASP B 532 26.55 24.98 -4.46
N MET B 533 25.98 26.11 -4.05
CA MET B 533 26.77 27.01 -3.21
C MET B 533 27.08 26.37 -1.88
N TYR B 534 26.11 25.73 -1.24
CA TYR B 534 26.42 25.00 -0.01
C TYR B 534 27.52 23.97 -0.22
N HIS B 535 27.44 23.22 -1.32
CA HIS B 535 28.40 22.14 -1.57
C HIS B 535 29.79 22.70 -1.73
N ARG B 536 29.92 23.78 -2.50
CA ARG B 536 31.22 24.39 -2.61
C ARG B 536 31.67 24.86 -1.23
N VAL B 537 30.75 25.24 -0.35
CA VAL B 537 31.21 25.76 0.94
C VAL B 537 31.83 24.65 1.76
N PHE B 538 31.17 23.47 1.79
CA PHE B 538 31.68 22.35 2.60
C PHE B 538 32.99 21.85 2.05
N ASP B 539 33.19 21.90 0.72
CA ASP B 539 34.42 21.39 0.15
C ASP B 539 35.63 22.15 0.69
N ARG B 540 35.39 23.25 1.39
CA ARG B 540 36.40 24.11 1.95
C ARG B 540 36.57 23.97 3.46
N VAL B 541 35.89 23.02 4.11
CA VAL B 541 36.05 22.84 5.55
C VAL B 541 36.41 21.38 5.77
N SER B 542 37.65 21.15 6.19
CA SER B 542 38.16 19.83 6.52
C SER B 542 37.28 19.11 7.53
N ALA B 543 36.56 19.88 8.35
CA ALA B 543 35.93 19.36 9.56
C ALA B 543 34.64 18.56 9.30
N VAL B 544 33.82 18.97 8.32
CA VAL B 544 32.50 18.36 8.22
C VAL B 544 32.58 17.09 7.40
N VAL B 545 32.05 15.99 7.95
CA VAL B 545 32.18 14.67 7.36
C VAL B 545 30.86 14.12 6.88
N GLY B 546 29.82 14.94 6.84
CA GLY B 546 28.51 14.48 6.40
C GLY B 546 27.59 15.58 5.90
N GLU B 547 26.99 15.30 4.74
CA GLU B 547 25.97 16.12 4.11
C GLU B 547 24.74 15.27 3.87
N GLN B 548 23.62 15.78 4.35
CA GLN B 548 22.32 15.17 4.11
C GLN B 548 21.36 16.30 3.74
N VAL B 549 20.99 16.34 2.45
CA VAL B 549 20.02 17.33 2.01
C VAL B 549 18.78 17.17 2.87
N TRP B 550 18.12 18.30 3.21
CA TRP B 550 17.12 18.18 4.27
C TRP B 550 16.12 17.13 3.88
N ASN B 551 15.15 17.37 3.00
CA ASN B 551 14.26 16.25 2.84
C ASN B 551 14.25 15.60 1.46
N PHE B 552 14.17 14.29 1.53
CA PHE B 552 14.16 13.46 0.34
C PHE B 552 12.90 13.69 -0.48
N ALA B 553 11.74 13.84 0.17
CA ALA B 553 10.50 14.05 -0.58
C ALA B 553 9.66 15.09 0.14
N ASP B 554 8.79 15.73 -0.63
CA ASP B 554 7.85 16.68 -0.04
C ASP B 554 6.93 15.92 0.91
N PHE B 555 6.63 16.51 2.08
CA PHE B 555 5.82 15.82 3.07
C PHE B 555 4.77 16.76 3.68
N ALA B 556 3.73 16.14 4.25
CA ALA B 556 2.59 16.86 4.81
C ALA B 556 2.91 17.48 6.16
N THR B 557 2.49 18.71 6.38
CA THR B 557 2.68 19.37 7.68
C THR B 557 1.33 19.89 8.16
N SER B 558 1.30 20.47 9.36
CA SER B 558 0.07 21.17 9.70
C SER B 558 -0.04 22.44 8.88
N GLN B 559 -1.26 22.96 8.79
CA GLN B 559 -1.56 24.11 7.95
C GLN B 559 -0.97 25.41 8.47
N GLY B 560 -0.49 26.24 7.54
CA GLY B 560 -0.02 27.58 7.89
C GLY B 560 0.48 28.34 6.67
N ILE B 561 0.78 29.62 6.91
CA ILE B 561 1.23 30.51 5.85
C ILE B 561 2.64 30.24 5.35
N LEU B 562 3.40 29.35 6.00
CA LEU B 562 4.72 28.95 5.59
C LEU B 562 4.74 27.71 4.70
N ARG B 563 3.65 26.96 4.62
CA ARG B 563 3.71 25.60 4.07
C ARG B 563 2.68 25.51 2.96
N VAL B 564 3.14 25.47 1.73
CA VAL B 564 2.23 25.40 0.58
C VAL B 564 1.79 23.97 0.36
N GLY B 565 0.72 23.54 1.01
CA GLY B 565 0.36 22.15 0.88
C GLY B 565 1.47 21.26 1.39
N GLY B 566 2.12 21.65 2.51
CA GLY B 566 3.15 20.86 3.16
C GLY B 566 4.52 21.49 3.02
N ASN B 567 5.53 20.73 3.41
CA ASN B 567 6.90 21.17 3.22
C ASN B 567 7.33 20.82 1.80
N LYS B 568 7.88 21.80 1.08
CA LYS B 568 8.23 21.57 -0.31
C LYS B 568 9.75 21.56 -0.53
N LYS B 569 10.54 21.26 0.52
CA LYS B 569 11.98 21.14 0.46
C LYS B 569 12.45 19.83 -0.14
N GLY B 570 11.54 18.95 -0.53
CA GLY B 570 11.94 17.65 -1.01
C GLY B 570 12.78 17.74 -2.27
N ILE B 571 13.65 16.76 -2.44
CA ILE B 571 14.27 16.57 -3.74
C ILE B 571 13.29 15.92 -4.70
N PHE B 572 12.46 15.04 -4.17
CA PHE B 572 11.37 14.46 -4.91
C PHE B 572 10.06 15.06 -4.42
N THR B 573 9.06 15.01 -5.29
CA THR B 573 7.73 15.38 -4.88
C THR B 573 7.17 14.25 -4.03
N ARG B 574 5.99 14.45 -3.46
CA ARG B 574 5.39 13.43 -2.60
C ARG B 574 5.01 12.18 -3.40
N ASP B 575 4.77 12.33 -4.70
CA ASP B 575 4.56 11.14 -5.50
C ASP B 575 5.88 10.60 -6.06
N ARG B 576 6.99 11.03 -5.45
CA ARG B 576 8.36 10.61 -5.76
C ARG B 576 8.81 11.00 -7.17
N LYS B 577 8.45 12.24 -7.64
CA LYS B 577 9.06 12.66 -8.92
C LYS B 577 10.15 13.70 -8.71
N PRO B 578 11.23 13.62 -9.49
CA PRO B 578 12.44 14.37 -9.18
C PRO B 578 12.34 15.80 -9.63
N LYS B 579 12.78 16.69 -8.78
CA LYS B 579 13.02 18.05 -9.22
C LYS B 579 14.36 18.10 -9.96
N SER B 580 14.65 19.22 -10.62
CA SER B 580 15.92 19.32 -11.34
C SER B 580 17.10 19.07 -10.41
N ALA B 581 16.98 19.53 -9.15
CA ALA B 581 18.07 19.35 -8.20
C ALA B 581 18.41 17.90 -7.99
N ALA B 582 17.45 16.99 -8.25
CA ALA B 582 17.72 15.57 -8.06
C ALA B 582 18.93 15.15 -8.86
N PHE B 583 18.96 15.56 -10.13
CA PHE B 583 20.07 15.21 -10.99
C PHE B 583 21.35 15.88 -10.56
N LEU B 584 21.25 17.14 -10.13
CA LEU B 584 22.40 17.84 -9.56
C LEU B 584 23.00 16.98 -8.46
N LEU B 585 22.17 16.50 -7.55
CA LEU B 585 22.71 15.72 -6.44
C LEU B 585 23.32 14.44 -6.98
N GLN B 586 22.67 13.83 -7.97
CA GLN B 586 23.19 12.59 -8.51
C GLN B 586 24.59 12.81 -9.06
N LYS B 587 24.79 13.93 -9.76
CA LYS B 587 26.11 14.22 -10.32
C LYS B 587 27.16 14.26 -9.21
N ARG B 588 26.86 14.94 -8.10
CA ARG B 588 27.83 15.03 -7.03
C ARG B 588 28.06 13.67 -6.40
N TRP B 589 26.97 12.94 -6.12
CA TRP B 589 27.13 11.74 -5.32
C TRP B 589 27.54 10.53 -6.15
N THR B 590 27.31 10.57 -7.46
CA THR B 590 27.87 9.60 -8.38
C THR B 590 29.27 10.00 -8.84
N GLY B 591 29.59 11.29 -8.82
CA GLY B 591 30.89 11.72 -9.27
C GLY B 591 32.01 11.66 -8.26
N MET B 592 31.73 11.37 -6.99
CA MET B 592 32.80 11.24 -6.00
C MET B 592 33.09 9.77 -5.80
N ASN B 593 34.30 9.47 -5.34
CA ASN B 593 34.60 8.09 -5.01
C ASN B 593 33.89 7.71 -3.73
N PHE B 594 33.35 6.48 -3.69
CA PHE B 594 32.36 6.14 -2.67
C PHE B 594 32.87 6.41 -1.26
N GLY B 595 32.04 7.07 -0.48
CA GLY B 595 32.34 7.43 0.90
C GLY B 595 33.48 8.40 1.08
N GLU B 596 33.96 9.03 0.01
CA GLU B 596 35.13 9.89 0.06
C GLU B 596 34.76 11.24 -0.54
N LYS B 597 34.85 12.33 0.29
CA LYS B 597 34.28 13.57 -0.21
C LYS B 597 35.35 14.44 -0.90
N PRO B 598 34.98 15.25 -1.93
CA PRO B 598 36.02 15.98 -2.68
C PRO B 598 36.93 16.86 -1.83
C6 E8X C . -10.01 6.71 -24.10
C5 E8X C . -10.91 5.53 -23.77
C4 E8X C . -10.06 4.53 -23.02
O4 E8X C . -9.34 5.21 -21.97
C3 E8X C . -10.98 3.40 -22.59
O3 E8X C . -10.20 2.37 -21.96
C2 E8X C . -11.68 2.77 -23.78
C7 E8X C . -11.48 4.83 -24.98
C8 E8X C . -12.28 5.84 -25.75
C9 E8X C . -11.61 6.16 -27.07
N E8X C . -12.42 3.77 -24.57
O61 E8X C . -9.38 6.72 -25.15
O62 E8X C . -9.84 7.70 -23.22
C10 E8X C . -12.39 5.61 -28.25
C11 E8X C . -12.43 6.76 -29.26
C12 E8X C . -13.25 6.32 -30.46
C13 E8X C . -13.11 7.36 -31.56
C6 E8X D . 11.91 23.03 7.81
C5 E8X D . 12.71 22.28 8.83
C4 E8X D . 11.82 21.18 9.39
O4 E8X D . 11.23 20.47 8.29
C3 E8X D . 12.64 20.23 10.25
O3 E8X D . 11.77 19.32 10.94
C2 E8X D . 13.36 21.02 11.33
C7 E8X D . 13.24 23.06 10.03
C8 E8X D . 14.04 24.30 9.68
C9 E8X D . 14.14 25.24 10.87
N E8X D . 14.14 22.13 10.75
O61 E8X D . 12.24 24.10 7.32
O62 E8X D . 10.80 22.47 7.35
C10 E8X D . 15.36 26.13 10.63
C11 E8X D . 15.30 27.48 11.32
C12 E8X D . 14.45 28.54 10.61
C13 E8X D . 14.84 29.97 10.96
#